data_7BDX
#
_entry.id   7BDX
#
_cell.length_a   52.887
_cell.length_b   135.830
_cell.length_c   75.794
_cell.angle_alpha   90.000
_cell.angle_beta   110.380
_cell.angle_gamma   90.000
#
_symmetry.space_group_name_H-M   'P 1 21 1'
#
loop_
_entity.id
_entity.type
_entity.pdbx_description
1 polymer 'Heat shock factor 2-binding protein'
2 polymer 'Breast cancer type 2 susceptibility protein'
3 non-polymer 'MAGNESIUM ION'
4 water water
#
loop_
_entity_poly.entity_id
_entity_poly.type
_entity_poly.pdbx_seq_one_letter_code
_entity_poly.pdbx_strand_id
1 'polypeptide(L)'
;AE(MSE)GAAACTLLWGVSSSEEVVKAILGGDKALKFFSITGQT(MSE)ESFVKSLDGDVQELDSDESQFVFALAGIVTN
VAAIACGREFLVNSSRVLLDTILQLLGDLKPGQCTKLKVL(MSE)L(MSE)SLYNVSINLKGLKYISESPGFIPLLWWLL
SDPDAEVCLHVLRLVQSVVLEPEVFSKSASEFRSSLPLQRILA(MSE)SKSRNPRLQTAAQELLEDLRTLEHNV
;
A,B,C,D
2 'polypeptide(L)' NEFDRIIENQEKSLKASKSTPDGTIKDRRLF(MSE)HHVSLEPITTVPFRTTKERQENLYFQG E,F
#
# COMPACT_ATOMS: atom_id res chain seq x y z
N ALA A 1 -11.82 14.94 -20.74
CA ALA A 1 -13.28 15.02 -20.82
C ALA A 1 -13.96 13.67 -20.77
N GLU A 2 -13.92 12.93 -21.90
CA GLU A 2 -14.52 11.60 -21.95
C GLU A 2 -13.51 10.60 -21.32
N GLY A 4 -10.98 11.36 -19.29
CA GLY A 4 -10.78 11.69 -17.88
C GLY A 4 -11.81 11.00 -16.99
N ALA A 5 -13.09 11.04 -17.39
CA ALA A 5 -14.14 10.42 -16.61
C ALA A 5 -14.08 8.89 -16.64
N ALA A 6 -13.61 8.31 -17.74
CA ALA A 6 -13.50 6.86 -17.87
C ALA A 6 -12.46 6.30 -16.89
N ALA A 7 -11.34 7.03 -16.74
CA ALA A 7 -10.24 6.66 -15.84
C ALA A 7 -10.67 6.82 -14.39
N CYS A 8 -11.41 7.89 -14.09
CA CYS A 8 -11.94 8.18 -12.77
C CYS A 8 -12.98 7.15 -12.35
N THR A 9 -13.82 6.72 -13.29
CA THR A 9 -14.82 5.70 -13.02
C THR A 9 -14.14 4.36 -12.73
N LEU A 10 -13.06 4.07 -13.45
CA LEU A 10 -12.31 2.84 -13.24
C LEU A 10 -11.68 2.83 -11.84
N LEU A 11 -11.14 3.98 -11.43
CA LEU A 11 -10.53 4.19 -10.12
C LEU A 11 -11.56 4.09 -8.97
N TRP A 12 -12.79 4.55 -9.21
CA TRP A 12 -13.93 4.47 -8.28
C TRP A 12 -14.29 2.98 -8.03
N GLY A 13 -14.23 2.18 -9.10
CA GLY A 13 -14.51 0.76 -9.03
C GLY A 13 -13.48 0.01 -8.21
N VAL A 14 -12.18 0.26 -8.46
CA VAL A 14 -11.13 -0.42 -7.72
C VAL A 14 -10.91 0.14 -6.32
N SER A 15 -11.35 1.40 -6.05
CA SER A 15 -11.19 2.01 -4.73
C SER A 15 -12.02 1.37 -3.60
N SER A 16 -12.89 0.41 -3.95
CA SER A 16 -13.64 -0.33 -2.95
C SER A 16 -12.73 -1.34 -2.17
N SER A 17 -11.45 -1.46 -2.55
CA SER A 17 -10.46 -2.35 -1.95
C SER A 17 -9.59 -1.56 -1.00
N GLU A 18 -9.33 -2.11 0.20
CA GLU A 18 -8.44 -1.46 1.17
C GLU A 18 -7.02 -1.34 0.60
N GLU A 19 -6.56 -2.38 -0.10
CA GLU A 19 -5.25 -2.45 -0.72
C GLU A 19 -5.03 -1.32 -1.75
N VAL A 20 -6.09 -0.97 -2.49
CA VAL A 20 -6.03 0.11 -3.46
C VAL A 20 -6.06 1.45 -2.74
N VAL A 21 -6.87 1.58 -1.69
CA VAL A 21 -6.97 2.82 -0.91
C VAL A 21 -5.62 3.17 -0.28
N LYS A 22 -4.91 2.18 0.29
CA LYS A 22 -3.58 2.41 0.88
C LYS A 22 -2.61 2.92 -0.19
N ALA A 23 -2.65 2.29 -1.36
CA ALA A 23 -1.84 2.69 -2.50
C ALA A 23 -2.15 4.12 -3.04
N ILE A 24 -3.37 4.62 -2.86
CA ILE A 24 -3.75 5.96 -3.33
C ILE A 24 -3.19 7.07 -2.41
N LEU A 25 -3.02 6.76 -1.09
CA LEU A 25 -2.63 7.76 -0.09
C LEU A 25 -1.18 8.29 -0.24
N GLY A 26 -0.34 7.52 -0.91
CA GLY A 26 1.04 7.94 -1.18
C GLY A 26 1.17 8.78 -2.44
N GLY A 27 0.32 8.48 -3.43
CA GLY A 27 0.28 9.18 -4.70
C GLY A 27 -0.06 10.65 -4.57
N ASP A 28 -0.91 11.00 -3.56
CA ASP A 28 -1.29 12.40 -3.29
C ASP A 28 -0.08 13.33 -3.07
N LYS A 29 1.11 12.77 -2.75
CA LYS A 29 2.29 13.59 -2.57
C LYS A 29 2.72 14.23 -3.90
N ALA A 30 3.22 13.42 -4.88
CA ALA A 30 3.68 13.89 -6.19
C ALA A 30 2.59 14.62 -7.02
N LEU A 31 1.42 13.98 -7.20
CA LEU A 31 0.27 14.58 -7.88
C LEU A 31 -0.69 14.85 -6.78
N LYS A 32 -1.03 16.10 -6.51
CA LYS A 32 -1.95 16.41 -5.40
C LYS A 32 -3.36 15.96 -5.82
N PHE A 33 -3.66 14.65 -5.75
CA PHE A 33 -4.93 14.07 -6.16
C PHE A 33 -6.14 14.62 -5.41
N PHE A 34 -6.10 14.64 -4.06
CA PHE A 34 -7.18 15.20 -3.25
C PHE A 34 -7.23 16.72 -3.27
N SER A 35 -6.09 17.39 -3.53
CA SER A 35 -6.12 18.84 -3.62
C SER A 35 -6.76 19.27 -4.93
N ILE A 36 -6.42 18.62 -6.06
CA ILE A 36 -7.05 18.96 -7.33
C ILE A 36 -8.47 18.40 -7.45
N THR A 37 -8.83 17.38 -6.63
CA THR A 37 -10.19 16.81 -6.65
C THR A 37 -11.19 17.87 -6.21
N GLY A 38 -10.88 18.55 -5.11
CA GLY A 38 -11.72 19.61 -4.57
C GLY A 38 -11.88 20.75 -5.55
N GLN A 39 -10.81 21.09 -6.26
CA GLN A 39 -10.83 22.15 -7.27
C GLN A 39 -11.75 21.77 -8.43
N THR A 40 -11.70 20.50 -8.85
CA THR A 40 -12.53 19.99 -9.95
C THR A 40 -13.99 19.93 -9.53
N GLU A 42 -15.33 21.90 -7.17
CA GLU A 42 -15.66 23.32 -7.00
C GLU A 42 -15.94 23.96 -8.36
N SER A 43 -15.12 23.62 -9.37
CA SER A 43 -15.28 24.10 -10.73
C SER A 43 -16.57 23.59 -11.36
N PHE A 44 -16.92 22.34 -11.09
CA PHE A 44 -18.14 21.74 -11.64
C PHE A 44 -19.40 22.45 -11.13
N VAL A 45 -19.54 22.66 -9.80
CA VAL A 45 -20.74 23.29 -9.28
C VAL A 45 -20.81 24.77 -9.70
N LYS A 46 -19.66 25.45 -9.78
CA LYS A 46 -19.62 26.84 -10.23
C LYS A 46 -20.13 26.96 -11.67
N SER A 47 -19.80 25.97 -12.51
CA SER A 47 -20.20 25.91 -13.91
C SER A 47 -21.73 25.73 -14.10
N LEU A 48 -22.44 25.25 -13.07
CA LEU A 48 -23.90 25.11 -13.15
C LEU A 48 -24.49 26.41 -12.62
N ASP A 49 -24.28 27.49 -13.38
CA ASP A 49 -24.74 28.83 -13.04
C ASP A 49 -26.31 28.87 -12.97
N GLY A 50 -26.98 29.18 -14.09
CA GLY A 50 -28.45 29.21 -14.16
C GLY A 50 -29.02 27.91 -14.70
N ASP A 51 -28.58 26.78 -14.12
CA ASP A 51 -28.99 25.45 -14.52
C ASP A 51 -28.75 24.41 -13.42
N VAL A 52 -29.53 23.32 -13.44
CA VAL A 52 -29.38 22.18 -12.55
C VAL A 52 -28.68 21.02 -13.34
N GLN A 53 -28.40 19.86 -12.69
CA GLN A 53 -27.71 18.69 -13.27
C GLN A 53 -28.16 18.31 -14.70
N GLU A 54 -27.22 17.72 -15.48
CA GLU A 54 -27.52 17.28 -16.85
C GLU A 54 -27.58 15.75 -16.96
N LEU A 55 -26.80 15.02 -16.11
CA LEU A 55 -26.71 13.56 -16.03
C LEU A 55 -26.43 12.86 -17.37
N ASP A 56 -25.95 11.59 -17.33
CA ASP A 56 -25.57 10.81 -18.51
C ASP A 56 -24.41 11.46 -19.31
N SER A 57 -23.89 12.61 -18.82
CA SER A 57 -22.84 13.43 -19.36
C SER A 57 -21.47 12.91 -18.98
N ASP A 58 -20.44 13.29 -19.75
CA ASP A 58 -19.07 12.89 -19.43
C ASP A 58 -18.56 13.69 -18.19
N GLU A 59 -19.01 14.95 -18.04
CA GLU A 59 -18.61 15.80 -16.93
C GLU A 59 -19.33 15.40 -15.63
N SER A 60 -20.60 14.97 -15.73
CA SER A 60 -21.38 14.54 -14.57
C SER A 60 -20.71 13.36 -13.89
N GLN A 61 -20.41 12.29 -14.66
CA GLN A 61 -19.80 11.06 -14.18
C GLN A 61 -18.34 11.22 -13.74
N PHE A 62 -17.68 12.33 -14.09
CA PHE A 62 -16.32 12.61 -13.67
C PHE A 62 -16.36 13.02 -12.19
N VAL A 63 -17.23 13.97 -11.84
CA VAL A 63 -17.30 14.44 -10.46
C VAL A 63 -17.98 13.41 -9.56
N PHE A 64 -18.88 12.56 -10.11
CA PHE A 64 -19.49 11.45 -9.37
C PHE A 64 -18.39 10.47 -8.96
N ALA A 65 -17.47 10.20 -9.90
CA ALA A 65 -16.35 9.31 -9.67
C ALA A 65 -15.44 9.89 -8.62
N LEU A 66 -15.19 11.22 -8.67
CA LEU A 66 -14.36 11.94 -7.71
C LEU A 66 -14.95 11.88 -6.28
N ALA A 67 -16.25 12.14 -6.14
CA ALA A 67 -16.89 12.07 -4.83
C ALA A 67 -17.07 10.62 -4.36
N GLY A 68 -17.16 9.66 -5.29
CA GLY A 68 -17.23 8.25 -5.00
C GLY A 68 -15.90 7.73 -4.51
N ILE A 69 -14.79 8.20 -5.10
CA ILE A 69 -13.44 7.84 -4.68
C ILE A 69 -13.19 8.41 -3.29
N VAL A 70 -13.52 9.70 -3.05
CA VAL A 70 -13.33 10.31 -1.72
C VAL A 70 -14.10 9.53 -0.64
N THR A 71 -15.30 9.04 -0.97
CA THR A 71 -16.08 8.22 -0.06
C THR A 71 -15.37 6.88 0.20
N ASN A 72 -15.00 6.15 -0.86
CA ASN A 72 -14.35 4.86 -0.74
C ASN A 72 -13.05 4.92 0.01
N VAL A 73 -12.32 6.06 -0.06
CA VAL A 73 -11.06 6.27 0.66
C VAL A 73 -11.38 6.44 2.15
N ALA A 74 -12.29 7.36 2.47
CA ALA A 74 -12.80 7.63 3.82
C ALA A 74 -13.44 6.40 4.48
N ALA A 75 -13.89 5.42 3.69
CA ALA A 75 -14.47 4.19 4.21
C ALA A 75 -13.44 3.31 4.90
N ILE A 76 -12.15 3.47 4.58
CA ILE A 76 -11.02 2.73 5.13
C ILE A 76 -10.44 3.55 6.29
N ALA A 77 -10.18 2.93 7.46
CA ALA A 77 -9.68 3.60 8.65
C ALA A 77 -8.51 4.58 8.41
N CYS A 78 -7.45 4.14 7.71
CA CYS A 78 -6.31 5.01 7.39
C CYS A 78 -6.63 6.07 6.32
N GLY A 79 -7.69 5.86 5.53
CA GLY A 79 -8.16 6.77 4.50
C GLY A 79 -8.83 7.98 5.11
N ARG A 80 -9.76 7.76 6.08
CA ARG A 80 -10.37 8.87 6.80
C ARG A 80 -9.33 9.59 7.66
N GLU A 81 -8.36 8.83 8.19
CA GLU A 81 -7.27 9.34 8.99
C GLU A 81 -6.41 10.26 8.14
N PHE A 82 -6.05 9.80 6.91
CA PHE A 82 -5.26 10.59 5.99
C PHE A 82 -5.99 11.87 5.63
N LEU A 83 -7.30 11.78 5.25
CA LEU A 83 -8.06 12.95 4.85
C LEU A 83 -8.09 14.04 5.90
N VAL A 84 -8.35 13.70 7.17
CA VAL A 84 -8.44 14.72 8.21
C VAL A 84 -7.07 15.29 8.61
N ASN A 85 -5.96 14.64 8.24
CA ASN A 85 -4.62 15.16 8.54
C ASN A 85 -4.06 15.93 7.35
N SER A 86 -4.14 15.35 6.15
CA SER A 86 -3.62 15.94 4.94
C SER A 86 -4.63 16.75 4.11
N SER A 87 -5.81 16.20 3.80
CA SER A 87 -6.77 16.88 2.93
C SER A 87 -7.94 17.63 3.64
N ARG A 88 -7.63 18.46 4.65
CA ARG A 88 -8.63 19.26 5.33
C ARG A 88 -9.30 20.28 4.39
N VAL A 89 -8.60 20.71 3.35
CA VAL A 89 -9.09 21.65 2.35
C VAL A 89 -10.16 20.97 1.49
N LEU A 90 -10.01 19.67 1.19
CA LEU A 90 -11.00 18.90 0.44
C LEU A 90 -12.28 18.77 1.27
N LEU A 91 -12.15 18.59 2.60
CA LEU A 91 -13.30 18.50 3.48
C LEU A 91 -14.03 19.82 3.50
N ASP A 92 -13.28 20.95 3.52
CA ASP A 92 -13.81 22.31 3.49
C ASP A 92 -14.62 22.50 2.22
N THR A 93 -14.06 22.08 1.08
CA THR A 93 -14.70 22.17 -0.21
C THR A 93 -15.99 21.36 -0.23
N ILE A 94 -16.00 20.10 0.27
CA ILE A 94 -17.22 19.29 0.32
C ILE A 94 -18.31 20.00 1.14
N LEU A 95 -17.98 20.42 2.37
CA LEU A 95 -18.91 21.15 3.22
C LEU A 95 -19.41 22.46 2.56
N GLN A 96 -18.51 23.22 1.90
CA GLN A 96 -18.88 24.43 1.18
C GLN A 96 -19.86 24.13 0.03
N LEU A 97 -19.52 23.15 -0.83
CA LEU A 97 -20.32 22.76 -1.98
C LEU A 97 -21.70 22.24 -1.62
N LEU A 98 -21.84 21.65 -0.43
CA LEU A 98 -23.15 21.18 0.02
C LEU A 98 -24.09 22.36 0.31
N GLY A 99 -23.54 23.43 0.86
CA GLY A 99 -24.27 24.66 1.16
C GLY A 99 -24.46 25.54 -0.06
N ASP A 100 -23.53 25.45 -1.03
CA ASP A 100 -23.60 26.20 -2.29
C ASP A 100 -24.63 25.58 -3.24
N LEU A 101 -24.86 24.25 -3.16
CA LEU A 101 -25.82 23.59 -4.05
C LEU A 101 -27.25 23.81 -3.55
N LYS A 102 -28.09 24.42 -4.41
CA LYS A 102 -29.48 24.68 -4.07
C LYS A 102 -30.31 23.37 -4.04
N PRO A 103 -31.37 23.29 -3.20
CA PRO A 103 -32.16 22.04 -3.14
C PRO A 103 -32.67 21.57 -4.50
N GLY A 104 -32.51 20.28 -4.78
CA GLY A 104 -32.90 19.68 -6.05
C GLY A 104 -31.81 19.71 -7.09
N GLN A 105 -30.75 20.50 -6.88
CA GLN A 105 -29.62 20.60 -7.79
C GLN A 105 -28.56 19.59 -7.38
N CYS A 106 -28.03 18.82 -8.35
CA CYS A 106 -26.97 17.80 -8.16
C CYS A 106 -27.26 16.85 -7.01
N THR A 107 -28.44 16.24 -7.05
CA THR A 107 -28.85 15.34 -5.99
C THR A 107 -27.87 14.18 -5.74
N LYS A 108 -27.45 13.49 -6.81
CA LYS A 108 -26.52 12.37 -6.67
C LYS A 108 -25.14 12.82 -6.18
N LEU A 109 -24.74 14.07 -6.49
CA LEU A 109 -23.47 14.57 -6.00
C LEU A 109 -23.56 14.86 -4.49
N LYS A 110 -24.69 15.42 -4.04
CA LYS A 110 -24.90 15.74 -2.65
C LYS A 110 -24.94 14.51 -1.79
N VAL A 111 -25.55 13.41 -2.27
CA VAL A 111 -25.62 12.14 -1.51
C VAL A 111 -24.23 11.57 -1.33
N LEU A 112 -23.45 11.48 -2.43
CA LEU A 112 -22.08 10.98 -2.42
C LEU A 112 -21.22 11.81 -1.49
N LEU A 114 -22.29 13.67 1.13
CA LEU A 114 -22.79 13.41 2.49
C LEU A 114 -22.31 12.04 3.01
N SER A 116 -19.36 10.64 2.21
CA SER A 116 -17.93 10.77 2.54
C SER A 116 -17.76 11.46 3.88
N LEU A 117 -18.63 12.46 4.19
CA LEU A 117 -18.60 13.20 5.46
C LEU A 117 -19.00 12.31 6.62
N TYR A 118 -19.92 11.36 6.39
CA TYR A 118 -20.30 10.40 7.41
C TYR A 118 -19.09 9.50 7.70
N ASN A 119 -18.42 9.04 6.65
CA ASN A 119 -17.27 8.17 6.76
C ASN A 119 -16.13 8.84 7.49
N VAL A 120 -15.83 10.12 7.17
CA VAL A 120 -14.75 10.80 7.88
C VAL A 120 -15.15 11.08 9.34
N SER A 121 -16.44 11.24 9.64
CA SER A 121 -16.91 11.43 11.00
C SER A 121 -16.66 10.20 11.90
N ILE A 122 -16.45 9.00 11.29
CA ILE A 122 -16.11 7.77 12.03
C ILE A 122 -14.75 7.96 12.75
N ASN A 123 -13.84 8.78 12.18
CA ASN A 123 -12.57 9.14 12.77
C ASN A 123 -12.83 10.24 13.81
N LEU A 124 -12.28 10.12 15.02
CA LEU A 124 -12.50 11.09 16.10
C LEU A 124 -12.19 12.54 15.69
N LYS A 125 -11.04 12.78 15.07
CA LYS A 125 -10.67 14.13 14.63
C LYS A 125 -11.58 14.59 13.50
N GLY A 126 -12.00 13.67 12.63
CA GLY A 126 -12.89 13.96 11.52
C GLY A 126 -14.25 14.41 12.00
N LEU A 127 -14.72 13.85 13.13
CA LEU A 127 -16.00 14.25 13.69
C LEU A 127 -15.87 15.68 14.22
N LYS A 128 -14.76 15.99 14.93
CA LYS A 128 -14.57 17.34 15.43
C LYS A 128 -14.45 18.34 14.31
N TYR A 129 -13.66 18.03 13.28
CA TYR A 129 -13.50 18.91 12.14
C TYR A 129 -14.81 19.25 11.45
N ILE A 130 -15.67 18.26 11.19
CA ILE A 130 -16.94 18.51 10.51
C ILE A 130 -17.89 19.29 11.40
N SER A 131 -18.11 18.83 12.64
CA SER A 131 -19.04 19.50 13.54
C SER A 131 -18.62 20.93 13.91
N GLU A 132 -17.32 21.21 13.98
CA GLU A 132 -16.83 22.56 14.30
C GLU A 132 -16.63 23.44 13.05
N SER A 133 -17.07 23.00 11.86
CA SER A 133 -16.91 23.78 10.64
C SER A 133 -17.92 24.91 10.61
N PRO A 134 -17.57 26.07 10.03
CA PRO A 134 -18.51 27.20 10.02
C PRO A 134 -19.87 26.88 9.37
N GLY A 135 -20.92 27.43 9.95
CA GLY A 135 -22.27 27.19 9.48
C GLY A 135 -22.71 25.76 9.34
N PHE A 136 -22.13 24.81 10.12
CA PHE A 136 -22.50 23.39 10.07
C PHE A 136 -23.95 23.11 10.45
N ILE A 137 -24.43 23.60 11.61
CA ILE A 137 -25.85 23.39 11.97
C ILE A 137 -26.79 24.06 10.93
N PRO A 138 -26.61 25.34 10.52
CA PRO A 138 -27.46 25.89 9.45
C PRO A 138 -27.44 25.08 8.15
N LEU A 139 -26.32 24.39 7.87
CA LEU A 139 -26.17 23.53 6.70
C LEU A 139 -27.02 22.29 6.84
N LEU A 140 -27.04 21.67 8.04
CA LEU A 140 -27.87 20.49 8.31
C LEU A 140 -29.35 20.80 8.08
N TRP A 141 -29.79 22.01 8.50
CA TRP A 141 -31.16 22.52 8.35
C TRP A 141 -31.51 22.73 6.88
N TRP A 142 -30.54 23.27 6.13
CA TRP A 142 -30.62 23.59 4.72
C TRP A 142 -30.75 22.31 3.90
N LEU A 143 -29.96 21.29 4.25
CA LEU A 143 -29.97 20.03 3.53
C LEU A 143 -31.24 19.22 3.82
N LEU A 144 -31.79 19.35 5.04
CA LEU A 144 -33.05 18.68 5.40
C LEU A 144 -34.28 19.30 4.73
N SER A 145 -34.15 20.52 4.19
CA SER A 145 -35.23 21.13 3.45
C SER A 145 -35.19 20.71 1.94
N ASP A 146 -34.38 19.68 1.60
CA ASP A 146 -34.26 19.16 0.23
C ASP A 146 -35.43 18.22 0.02
N PRO A 147 -36.13 18.31 -1.13
CA PRO A 147 -37.28 17.41 -1.36
C PRO A 147 -36.88 15.95 -1.60
N ASP A 148 -35.63 15.70 -2.05
CA ASP A 148 -35.17 14.34 -2.30
C ASP A 148 -34.95 13.58 -1.01
N ALA A 149 -35.57 12.41 -0.93
CA ALA A 149 -35.54 11.57 0.25
C ALA A 149 -34.19 11.00 0.54
N GLU A 150 -33.41 10.67 -0.52
CA GLU A 150 -32.08 10.09 -0.33
C GLU A 150 -31.12 11.08 0.30
N VAL A 151 -31.22 12.36 -0.07
CA VAL A 151 -30.39 13.42 0.50
C VAL A 151 -30.73 13.55 1.98
N CYS A 152 -32.03 13.67 2.32
CA CYS A 152 -32.52 13.77 3.68
C CYS A 152 -32.05 12.61 4.53
N LEU A 153 -32.11 11.38 3.99
CA LEU A 153 -31.64 10.18 4.69
C LEU A 153 -30.15 10.31 5.08
N HIS A 154 -29.30 10.74 4.14
CA HIS A 154 -27.87 10.86 4.43
C HIS A 154 -27.54 12.04 5.32
N VAL A 155 -28.43 13.07 5.41
CA VAL A 155 -28.22 14.16 6.36
C VAL A 155 -28.53 13.61 7.74
N LEU A 156 -29.64 12.86 7.89
CA LEU A 156 -30.01 12.22 9.15
C LEU A 156 -28.97 11.22 9.63
N ARG A 157 -28.35 10.50 8.70
CA ARG A 157 -27.30 9.56 9.06
C ARG A 157 -26.05 10.27 9.59
N LEU A 158 -25.75 11.45 9.05
CA LEU A 158 -24.61 12.26 9.51
C LEU A 158 -24.95 12.86 10.88
N VAL A 159 -26.15 13.41 11.03
CA VAL A 159 -26.65 13.97 12.29
C VAL A 159 -26.58 12.90 13.40
N GLN A 160 -27.02 11.65 13.11
CA GLN A 160 -26.97 10.54 14.05
C GLN A 160 -25.54 10.27 14.51
N SER A 161 -24.60 10.29 13.55
CA SER A 161 -23.18 10.09 13.81
C SER A 161 -22.64 11.18 14.72
N VAL A 162 -23.07 12.43 14.49
CA VAL A 162 -22.64 13.58 15.30
C VAL A 162 -23.25 13.52 16.70
N VAL A 163 -24.52 13.06 16.83
CA VAL A 163 -25.27 12.95 18.11
C VAL A 163 -24.61 11.92 19.00
N LEU A 164 -24.28 10.74 18.44
CA LEU A 164 -23.62 9.69 19.19
C LEU A 164 -22.18 10.08 19.56
N GLU A 165 -21.62 9.47 20.63
CA GLU A 165 -20.26 9.69 21.17
C GLU A 165 -20.18 10.94 22.07
N PRO A 166 -19.23 10.92 23.05
CA PRO A 166 -19.13 12.02 24.03
C PRO A 166 -19.28 13.46 23.50
N GLU A 167 -18.30 14.00 22.71
CA GLU A 167 -18.31 15.39 22.23
C GLU A 167 -18.38 16.33 23.46
N VAL A 168 -17.57 16.01 24.50
CA VAL A 168 -17.48 16.65 25.83
C VAL A 168 -18.73 16.33 26.72
N PHE A 169 -19.94 16.23 26.10
CA PHE A 169 -21.28 15.96 26.70
C PHE A 169 -21.79 17.03 27.65
N SER A 170 -20.88 17.85 28.23
CA SER A 170 -21.25 18.91 29.16
C SER A 170 -21.77 20.14 28.38
N LYS A 171 -23.03 20.04 27.91
CA LYS A 171 -23.76 21.07 27.16
C LYS A 171 -23.11 21.43 25.81
N SER A 172 -21.99 20.80 25.46
CA SER A 172 -21.34 20.98 24.17
C SER A 172 -22.17 20.19 23.14
N ALA A 173 -22.56 18.94 23.51
CA ALA A 173 -23.43 18.08 22.72
C ALA A 173 -24.92 18.31 23.11
N SER A 174 -25.19 18.72 24.37
CA SER A 174 -26.54 19.01 24.91
C SER A 174 -27.27 20.11 24.13
N GLU A 175 -26.51 21.11 23.65
CA GLU A 175 -27.01 22.25 22.86
C GLU A 175 -27.08 21.88 21.36
N PHE A 176 -26.22 20.96 20.89
CA PHE A 176 -26.26 20.50 19.51
C PHE A 176 -27.61 19.81 19.22
N ARG A 177 -28.05 18.94 20.14
CA ARG A 177 -29.31 18.21 20.00
C ARG A 177 -30.55 19.09 20.04
N SER A 178 -30.56 20.10 20.90
CA SER A 178 -31.68 21.02 21.04
C SER A 178 -31.83 21.96 19.84
N SER A 179 -30.72 22.24 19.13
CA SER A 179 -30.67 23.15 17.99
C SER A 179 -31.03 22.55 16.63
N LEU A 180 -31.47 21.26 16.61
CA LEU A 180 -31.82 20.51 15.39
C LEU A 180 -33.30 20.74 14.98
N PRO A 181 -33.67 20.60 13.68
CA PRO A 181 -35.08 20.78 13.32
C PRO A 181 -35.88 19.55 13.68
N LEU A 182 -36.22 19.43 14.98
CA LEU A 182 -36.97 18.29 15.50
C LEU A 182 -38.34 18.12 14.84
N GLN A 183 -38.95 19.20 14.33
CA GLN A 183 -40.23 19.09 13.65
C GLN A 183 -40.09 18.40 12.30
N ARG A 184 -39.03 18.70 11.58
CA ARG A 184 -38.78 18.09 10.29
C ARG A 184 -38.39 16.61 10.49
N ILE A 185 -37.56 16.31 11.49
CA ILE A 185 -37.19 14.91 11.81
C ILE A 185 -38.44 14.12 12.19
N LEU A 186 -39.37 14.74 12.91
CA LEU A 186 -40.64 14.13 13.27
C LEU A 186 -41.48 13.85 12.05
N ALA A 187 -41.56 14.81 11.12
CA ALA A 187 -42.33 14.67 9.89
C ALA A 187 -41.75 13.54 9.02
N SER A 189 -40.18 11.01 10.29
CA SER A 189 -40.39 9.76 11.03
C SER A 189 -41.72 9.11 10.68
N LYS A 190 -42.64 9.86 10.06
CA LYS A 190 -43.91 9.36 9.57
C LYS A 190 -43.86 9.38 7.99
N SER A 191 -42.67 9.25 7.39
CA SER A 191 -42.53 9.32 5.95
C SER A 191 -43.01 8.09 5.24
N ARG A 192 -43.46 8.25 4.00
CA ARG A 192 -43.90 7.12 3.19
C ARG A 192 -42.73 6.39 2.51
N ASN A 193 -41.49 6.95 2.60
CA ASN A 193 -40.26 6.33 2.10
C ASN A 193 -39.75 5.53 3.30
N PRO A 194 -39.73 4.20 3.19
CA PRO A 194 -39.35 3.39 4.37
C PRO A 194 -37.93 3.56 4.90
N ARG A 195 -36.95 3.78 4.01
CA ARG A 195 -35.56 3.98 4.44
C ARG A 195 -35.40 5.29 5.21
N LEU A 196 -36.09 6.34 4.75
CA LEU A 196 -36.06 7.66 5.37
C LEU A 196 -36.81 7.64 6.67
N GLN A 197 -37.96 6.97 6.72
CA GLN A 197 -38.76 6.88 7.92
C GLN A 197 -37.98 6.19 9.03
N THR A 198 -37.22 5.14 8.69
CA THR A 198 -36.46 4.42 9.71
C THR A 198 -35.24 5.18 10.19
N ALA A 199 -34.65 6.04 9.35
CA ALA A 199 -33.50 6.83 9.76
C ALA A 199 -33.95 7.92 10.74
N ALA A 200 -35.06 8.59 10.45
CA ALA A 200 -35.61 9.62 11.32
C ALA A 200 -36.11 9.00 12.62
N GLN A 201 -36.70 7.80 12.57
CA GLN A 201 -37.11 7.08 13.76
C GLN A 201 -35.88 6.75 14.62
N GLU A 202 -34.84 6.14 14.03
CA GLU A 202 -33.62 5.82 14.73
C GLU A 202 -33.00 7.07 15.35
N LEU A 203 -32.88 8.17 14.61
CA LEU A 203 -32.35 9.42 15.13
C LEU A 203 -33.19 9.97 16.28
N LEU A 204 -34.54 9.88 16.19
CA LEU A 204 -35.45 10.33 17.25
C LEU A 204 -35.27 9.51 18.51
N GLU A 205 -35.03 8.19 18.38
CA GLU A 205 -34.78 7.34 19.55
C GLU A 205 -33.50 7.79 20.24
N ASP A 206 -32.45 8.08 19.46
CA ASP A 206 -31.15 8.54 19.92
C ASP A 206 -31.21 9.92 20.57
N LEU A 207 -32.07 10.79 20.06
CA LEU A 207 -32.22 12.12 20.61
C LEU A 207 -32.98 12.06 21.94
N ARG A 208 -33.96 11.15 22.05
CA ARG A 208 -34.73 10.94 23.26
C ARG A 208 -33.88 10.22 24.31
N THR A 209 -33.06 9.23 23.87
CA THR A 209 -32.16 8.42 24.72
C THR A 209 -31.16 9.31 25.44
N LEU A 210 -30.64 10.32 24.73
CA LEU A 210 -29.67 11.26 25.26
C LEU A 210 -30.35 12.61 25.53
N GLU A 211 -31.36 12.63 26.41
CA GLU A 211 -32.08 13.85 26.75
C GLU A 211 -32.56 13.80 28.19
N ALA B 1 14.39 -0.19 25.23
CA ALA B 1 15.71 -0.14 24.61
C ALA B 1 15.98 -1.41 23.82
N GLU B 2 15.74 -2.56 24.45
CA GLU B 2 15.89 -3.88 23.83
C GLU B 2 14.67 -4.18 22.95
N GLY B 4 12.70 -1.88 21.54
CA GLY B 4 12.76 -0.99 20.40
C GLY B 4 13.56 -1.56 19.25
N ALA B 5 14.73 -2.12 19.55
CA ALA B 5 15.59 -2.70 18.52
C ALA B 5 15.01 -4.00 17.95
N ALA B 6 14.26 -4.76 18.75
CA ALA B 6 13.65 -6.01 18.29
C ALA B 6 12.58 -5.74 17.24
N ALA B 7 11.79 -4.68 17.45
CA ALA B 7 10.72 -4.25 16.55
C ALA B 7 11.33 -3.70 15.26
N CYS B 8 12.43 -2.93 15.37
CA CYS B 8 13.15 -2.35 14.24
C CYS B 8 13.80 -3.43 13.38
N THR B 9 14.33 -4.47 14.02
CA THR B 9 14.94 -5.58 13.32
C THR B 9 13.89 -6.37 12.55
N LEU B 10 12.69 -6.57 13.14
CA LEU B 10 11.60 -7.25 12.42
C LEU B 10 11.18 -6.42 11.20
N LEU B 11 11.04 -5.11 11.38
CA LEU B 11 10.68 -4.19 10.31
C LEU B 11 11.71 -4.20 9.17
N TRP B 12 13.00 -4.33 9.49
CA TRP B 12 14.11 -4.42 8.53
C TRP B 12 13.97 -5.72 7.70
N GLY B 13 13.55 -6.80 8.36
CA GLY B 13 13.34 -8.07 7.70
C GLY B 13 12.21 -8.03 6.71
N VAL B 14 11.06 -7.48 7.11
CA VAL B 14 9.89 -7.42 6.24
C VAL B 14 10.00 -6.31 5.19
N SER B 15 10.85 -5.28 5.42
CA SER B 15 11.02 -4.17 4.48
C SER B 15 11.69 -4.55 3.15
N SER B 16 12.16 -5.80 3.03
CA SER B 16 12.72 -6.29 1.78
C SER B 16 11.63 -6.49 0.69
N SER B 17 10.35 -6.37 1.01
CA SER B 17 9.28 -6.54 0.03
C SER B 17 8.66 -5.20 -0.35
N GLU B 18 8.38 -5.02 -1.65
CA GLU B 18 7.79 -3.78 -2.19
C GLU B 18 6.48 -3.45 -1.47
N GLU B 19 5.68 -4.48 -1.21
CA GLU B 19 4.37 -4.39 -0.59
C GLU B 19 4.43 -3.76 0.80
N VAL B 20 5.49 -4.10 1.54
CA VAL B 20 5.72 -3.54 2.86
C VAL B 20 6.25 -2.12 2.76
N VAL B 21 7.13 -1.86 1.79
CA VAL B 21 7.68 -0.52 1.57
C VAL B 21 6.57 0.49 1.23
N LYS B 22 5.61 0.10 0.36
CA LYS B 22 4.48 0.98 0.02
C LYS B 22 3.66 1.28 1.28
N ALA B 23 3.41 0.25 2.08
CA ALA B 23 2.71 0.39 3.35
C ALA B 23 3.44 1.28 4.40
N ILE B 24 4.79 1.35 4.41
CA ILE B 24 5.49 2.25 5.36
C ILE B 24 5.48 3.72 4.81
N LEU B 25 5.31 3.89 3.48
CA LEU B 25 5.24 5.20 2.87
C LEU B 25 3.80 5.63 3.12
N GLY B 26 3.65 6.74 3.84
CA GLY B 26 2.32 7.21 4.24
C GLY B 26 2.21 7.20 5.75
N GLY B 27 2.77 6.13 6.36
CA GLY B 27 2.85 5.97 7.81
C GLY B 27 3.79 6.96 8.45
N ASP B 28 4.82 7.43 7.70
CA ASP B 28 5.74 8.47 8.18
C ASP B 28 4.99 9.81 8.45
N LYS B 29 3.81 10.03 7.83
CA LYS B 29 3.06 11.26 8.04
C LYS B 29 2.61 11.42 9.51
N ALA B 30 1.92 10.42 10.05
CA ALA B 30 1.42 10.50 11.43
C ALA B 30 2.43 10.05 12.49
N LEU B 31 3.52 9.38 12.08
CA LEU B 31 4.53 8.89 13.04
C LEU B 31 5.82 9.71 13.05
N LYS B 32 6.06 10.50 11.98
CA LYS B 32 7.27 11.27 11.69
C LYS B 32 8.47 10.32 11.58
N PHE B 33 8.24 9.01 11.24
CA PHE B 33 9.24 7.93 11.18
C PHE B 33 10.59 8.29 10.54
N PHE B 34 10.60 8.75 9.28
CA PHE B 34 11.86 9.14 8.62
C PHE B 34 12.45 10.42 9.20
N SER B 35 11.64 11.25 9.86
CA SER B 35 12.17 12.44 10.49
C SER B 35 12.85 12.07 11.82
N ILE B 36 12.23 11.21 12.64
CA ILE B 36 12.83 10.77 13.90
C ILE B 36 13.93 9.74 13.69
N THR B 37 13.97 9.06 12.50
CA THR B 37 15.03 8.08 12.19
C THR B 37 16.38 8.80 12.14
N GLY B 38 16.43 9.91 11.42
CA GLY B 38 17.63 10.72 11.29
C GLY B 38 18.12 11.24 12.62
N GLN B 39 17.18 11.64 13.49
CA GLN B 39 17.49 12.14 14.83
C GLN B 39 18.10 11.03 15.67
N THR B 40 17.58 9.79 15.56
CA THR B 40 18.08 8.64 16.30
C THR B 40 19.47 8.24 15.81
N GLU B 42 21.60 10.34 14.30
CA GLU B 42 22.44 11.49 14.68
C GLU B 42 22.81 11.40 16.17
N SER B 43 21.84 11.03 17.00
CA SER B 43 22.02 10.87 18.44
C SER B 43 22.97 9.71 18.75
N PHE B 44 22.90 8.63 17.97
CA PHE B 44 23.77 7.48 18.18
C PHE B 44 25.25 7.82 17.93
N VAL B 45 25.57 8.42 16.76
CA VAL B 45 26.97 8.67 16.44
C VAL B 45 27.52 9.82 17.31
N LYS B 46 26.69 10.79 17.70
CA LYS B 46 27.15 11.87 18.56
C LYS B 46 27.42 11.34 20.01
N SER B 47 26.70 10.27 20.44
CA SER B 47 26.89 9.62 21.74
C SER B 47 28.23 8.90 21.84
N LEU B 48 28.80 8.49 20.71
CA LEU B 48 30.09 7.81 20.73
C LEU B 48 31.19 8.62 20.11
N ASP B 49 31.82 9.48 20.92
CA ASP B 49 32.96 10.24 20.41
C ASP B 49 34.16 9.23 20.32
N GLY B 50 34.37 8.48 21.40
CA GLY B 50 35.37 7.41 21.48
C GLY B 50 34.81 6.07 21.02
N ASP B 51 35.62 5.01 21.13
CA ASP B 51 35.27 3.65 20.71
C ASP B 51 34.99 3.54 19.20
N VAL B 52 35.72 2.64 18.52
CA VAL B 52 35.54 2.41 17.09
C VAL B 52 34.21 1.71 16.81
N GLN B 53 33.88 0.69 17.63
CA GLN B 53 32.64 -0.08 17.51
C GLN B 53 32.13 -0.67 18.85
N GLU B 54 30.87 -0.36 19.22
CA GLU B 54 30.24 -0.91 20.44
C GLU B 54 29.26 -2.03 20.06
N LEU B 55 29.68 -2.90 19.12
CA LEU B 55 28.94 -4.03 18.52
C LEU B 55 28.15 -4.94 19.51
N ASP B 56 27.17 -5.68 18.97
CA ASP B 56 26.26 -6.61 19.67
C ASP B 56 25.22 -5.86 20.52
N SER B 57 25.56 -4.66 21.02
CA SER B 57 24.66 -3.85 21.83
C SER B 57 23.37 -3.55 21.10
N ASP B 58 22.26 -3.49 21.84
CA ASP B 58 20.95 -3.22 21.25
C ASP B 58 20.86 -1.79 20.67
N GLU B 59 21.75 -0.87 21.10
CA GLU B 59 21.79 0.52 20.62
C GLU B 59 22.34 0.57 19.19
N SER B 60 23.35 -0.25 18.88
CA SER B 60 23.92 -0.30 17.54
C SER B 60 22.96 -1.08 16.64
N GLN B 61 22.41 -2.19 17.14
CA GLN B 61 21.42 -3.02 16.43
C GLN B 61 20.17 -2.25 16.02
N PHE B 62 19.80 -1.25 16.82
CA PHE B 62 18.66 -0.39 16.57
C PHE B 62 18.97 0.50 15.36
N VAL B 63 20.16 1.13 15.36
CA VAL B 63 20.52 2.04 14.28
C VAL B 63 20.87 1.28 13.00
N PHE B 64 21.33 0.03 13.11
CA PHE B 64 21.58 -0.83 11.95
C PHE B 64 20.27 -1.20 11.29
N ALA B 65 19.24 -1.42 12.09
CA ALA B 65 17.91 -1.70 11.59
C ALA B 65 17.36 -0.45 10.91
N LEU B 66 17.59 0.74 11.50
CA LEU B 66 17.16 2.02 10.95
C LEU B 66 17.78 2.31 9.60
N ALA B 67 19.11 2.17 9.47
CA ALA B 67 19.76 2.40 8.20
C ALA B 67 19.37 1.31 7.20
N GLY B 68 19.19 0.07 7.68
CA GLY B 68 18.78 -1.07 6.84
C GLY B 68 17.40 -0.84 6.26
N ILE B 69 16.48 -0.28 7.07
CA ILE B 69 15.12 0.04 6.61
C ILE B 69 15.20 1.18 5.59
N VAL B 70 15.99 2.24 5.85
CA VAL B 70 16.15 3.35 4.89
C VAL B 70 16.69 2.84 3.53
N THR B 71 17.61 1.86 3.57
CA THR B 71 18.15 1.26 2.35
C THR B 71 17.08 0.46 1.61
N ASN B 72 16.34 -0.42 2.33
CA ASN B 72 15.30 -1.25 1.75
C ASN B 72 14.17 -0.44 1.16
N VAL B 73 13.87 0.75 1.73
CA VAL B 73 12.82 1.66 1.23
C VAL B 73 13.30 2.29 -0.07
N ALA B 74 14.51 2.88 -0.05
CA ALA B 74 15.19 3.46 -1.22
C ALA B 74 15.40 2.47 -2.36
N ALA B 75 15.42 1.16 -2.08
CA ALA B 75 15.56 0.13 -3.08
C ALA B 75 14.33 0.02 -4.00
N ILE B 76 13.16 0.49 -3.54
CA ILE B 76 11.88 0.49 -4.27
C ILE B 76 11.71 1.84 -4.93
N ALA B 77 11.32 1.89 -6.21
CA ALA B 77 11.18 3.12 -7.00
C ALA B 77 10.42 4.24 -6.28
N CYS B 78 9.24 3.96 -5.73
CA CYS B 78 8.46 4.97 -5.00
C CYS B 78 9.05 5.34 -3.64
N GLY B 79 9.93 4.48 -3.09
CA GLY B 79 10.60 4.67 -1.81
C GLY B 79 11.70 5.69 -1.95
N ARG B 80 12.58 5.54 -2.97
CA ARG B 80 13.60 6.56 -3.22
C ARG B 80 12.95 7.88 -3.68
N GLU B 81 11.81 7.78 -4.40
CA GLU B 81 11.04 8.93 -4.86
C GLU B 81 10.50 9.67 -3.66
N PHE B 82 9.91 8.95 -2.69
CA PHE B 82 9.38 9.54 -1.48
C PHE B 82 10.49 10.21 -0.69
N LEU B 83 11.63 9.52 -0.48
CA LEU B 83 12.73 10.06 0.29
C LEU B 83 13.24 11.38 -0.24
N VAL B 84 13.45 11.49 -1.54
CA VAL B 84 13.98 12.75 -2.11
C VAL B 84 12.96 13.89 -2.14
N ASN B 85 11.68 13.60 -1.97
CA ASN B 85 10.65 14.64 -1.96
C ASN B 85 10.29 15.04 -0.52
N SER B 86 10.06 14.04 0.33
CA SER B 86 9.68 14.25 1.71
C SER B 86 10.83 14.23 2.72
N SER B 87 11.69 13.22 2.70
CA SER B 87 12.75 13.11 3.69
C SER B 87 14.17 13.61 3.27
N ARG B 88 14.26 14.83 2.70
CA ARG B 88 15.54 15.42 2.31
C ARG B 88 16.44 15.67 3.52
N VAL B 89 15.85 15.89 4.70
CA VAL B 89 16.57 16.10 5.95
C VAL B 89 17.25 14.81 6.40
N LEU B 90 16.61 13.65 6.17
CA LEU B 90 17.19 12.34 6.48
C LEU B 90 18.41 12.10 5.58
N LEU B 91 18.32 12.51 4.30
CA LEU B 91 19.44 12.38 3.36
C LEU B 91 20.60 13.24 3.81
N ASP B 92 20.32 14.47 4.30
CA ASP B 92 21.28 15.42 4.84
C ASP B 92 21.99 14.79 6.01
N THR B 93 21.22 14.17 6.92
CA THR B 93 21.75 13.50 8.09
C THR B 93 22.66 12.34 7.71
N ILE B 94 22.26 11.48 6.75
CA ILE B 94 23.11 10.37 6.30
C ILE B 94 24.43 10.91 5.76
N LEU B 95 24.38 11.87 4.83
CA LEU B 95 25.58 12.49 4.27
C LEU B 95 26.45 13.13 5.35
N GLN B 96 25.85 13.85 6.31
CA GLN B 96 26.58 14.47 7.44
C GLN B 96 27.26 13.42 8.31
N LEU B 97 26.53 12.35 8.72
CA LEU B 97 27.04 11.28 9.56
C LEU B 97 28.16 10.49 8.92
N LEU B 98 28.18 10.41 7.59
CA LEU B 98 29.27 9.72 6.88
C LEU B 98 30.59 10.51 7.03
N GLY B 99 30.51 11.84 6.99
CA GLY B 99 31.64 12.73 7.16
C GLY B 99 32.04 12.93 8.62
N ASP B 100 31.07 12.78 9.53
CA ASP B 100 31.30 12.89 10.98
C ASP B 100 31.96 11.60 11.51
N LEU B 101 31.71 10.44 10.89
CA LEU B 101 32.30 9.19 11.35
C LEU B 101 33.74 9.08 10.89
N LYS B 102 34.68 8.96 11.84
CA LYS B 102 36.10 8.82 11.55
C LYS B 102 36.42 7.43 10.94
N PRO B 103 37.46 7.31 10.08
CA PRO B 103 37.75 6.01 9.47
C PRO B 103 37.93 4.89 10.47
N GLY B 104 37.28 3.76 10.22
CA GLY B 104 37.32 2.60 11.11
C GLY B 104 36.22 2.62 12.15
N GLN B 105 35.54 3.76 12.32
CA GLN B 105 34.47 3.88 13.31
C GLN B 105 33.16 3.55 12.63
N CYS B 106 32.34 2.69 13.29
CA CYS B 106 31.04 2.17 12.82
C CYS B 106 31.05 1.80 11.33
N THR B 107 31.90 0.83 10.98
CA THR B 107 32.05 0.40 9.61
C THR B 107 30.76 -0.14 8.99
N LYS B 108 30.02 -0.99 9.73
CA LYS B 108 28.78 -1.56 9.23
C LYS B 108 27.71 -0.49 9.04
N LEU B 109 27.74 0.57 9.86
CA LEU B 109 26.77 1.65 9.70
C LEU B 109 27.08 2.46 8.45
N LYS B 110 28.36 2.71 8.17
CA LYS B 110 28.78 3.46 7.00
C LYS B 110 28.44 2.74 5.72
N VAL B 111 28.58 1.40 5.67
CA VAL B 111 28.25 0.60 4.48
C VAL B 111 26.76 0.68 4.19
N LEU B 112 25.93 0.47 5.22
CA LEU B 112 24.48 0.53 5.11
C LEU B 112 24.04 1.90 4.63
N LEU B 114 25.89 4.10 2.92
CA LEU B 114 26.38 4.24 1.55
C LEU B 114 25.48 3.47 0.55
N SER B 116 22.19 3.02 0.94
CA SER B 116 20.96 3.79 0.78
C SER B 116 21.18 5.02 -0.12
N LEU B 117 22.38 5.62 -0.10
CA LEU B 117 22.69 6.75 -0.95
C LEU B 117 22.85 6.31 -2.39
N TYR B 118 23.35 5.09 -2.62
CA TYR B 118 23.44 4.55 -3.97
C TYR B 118 22.03 4.31 -4.52
N ASN B 119 21.16 3.75 -3.68
CA ASN B 119 19.78 3.47 -4.06
C ASN B 119 19.02 4.74 -4.37
N VAL B 120 19.16 5.80 -3.55
CA VAL B 120 18.44 7.05 -3.83
C VAL B 120 19.03 7.72 -5.09
N SER B 121 20.32 7.51 -5.39
CA SER B 121 20.94 8.06 -6.59
C SER B 121 20.37 7.47 -7.89
N ILE B 122 19.71 6.28 -7.81
CA ILE B 122 19.01 5.66 -8.96
C ILE B 122 17.88 6.59 -9.43
N ASN B 123 17.27 7.36 -8.52
CA ASN B 123 16.24 8.35 -8.81
C ASN B 123 16.93 9.60 -9.35
N LEU B 124 16.45 10.18 -10.46
CA LEU B 124 17.05 11.38 -11.07
C LEU B 124 17.25 12.53 -10.10
N LYS B 125 16.22 12.90 -9.34
CA LYS B 125 16.32 13.97 -8.37
C LYS B 125 17.25 13.63 -7.22
N GLY B 126 17.25 12.35 -6.82
CA GLY B 126 18.10 11.83 -5.76
C GLY B 126 19.56 11.92 -6.13
N LEU B 127 19.89 11.72 -7.42
CA LEU B 127 21.28 11.85 -7.88
C LEU B 127 21.68 13.32 -7.78
N LYS B 128 20.81 14.22 -8.24
CA LYS B 128 21.03 15.65 -8.20
C LYS B 128 21.26 16.10 -6.76
N TYR B 129 20.38 15.71 -5.83
CA TYR B 129 20.46 16.05 -4.42
C TYR B 129 21.75 15.59 -3.74
N ILE B 130 22.18 14.35 -3.96
CA ILE B 130 23.40 13.85 -3.34
C ILE B 130 24.63 14.54 -3.88
N SER B 131 24.77 14.58 -5.22
CA SER B 131 25.94 15.18 -5.84
C SER B 131 26.08 16.68 -5.55
N GLU B 132 24.97 17.41 -5.40
CA GLU B 132 25.02 18.84 -5.10
C GLU B 132 25.05 19.16 -3.59
N SER B 133 25.18 18.15 -2.73
CA SER B 133 25.22 18.36 -1.28
C SER B 133 26.56 18.96 -0.88
N PRO B 134 26.58 19.82 0.17
CA PRO B 134 27.86 20.43 0.59
C PRO B 134 28.95 19.43 0.95
N GLY B 135 30.17 19.75 0.56
CA GLY B 135 31.34 18.92 0.76
C GLY B 135 31.24 17.50 0.26
N PHE B 136 30.42 17.23 -0.78
CA PHE B 136 30.25 15.86 -1.32
C PHE B 136 31.55 15.28 -1.89
N ILE B 137 32.25 15.99 -2.79
CA ILE B 137 33.52 15.47 -3.32
C ILE B 137 34.56 15.29 -2.18
N PRO B 138 34.82 16.27 -1.27
CA PRO B 138 35.71 15.99 -0.13
C PRO B 138 35.31 14.78 0.73
N LEU B 139 34.00 14.47 0.78
CA LEU B 139 33.47 13.33 1.53
C LEU B 139 33.83 12.03 0.82
N LEU B 140 33.73 12.00 -0.52
CA LEU B 140 34.09 10.81 -1.32
C LEU B 140 35.55 10.45 -1.09
N TRP B 141 36.43 11.47 -1.02
CA TRP B 141 37.87 11.35 -0.77
C TRP B 141 38.17 10.85 0.63
N TRP B 142 37.40 11.31 1.60
CA TRP B 142 37.49 10.99 3.01
C TRP B 142 37.08 9.51 3.23
N LEU B 143 36.00 9.09 2.56
CA LEU B 143 35.50 7.75 2.71
C LEU B 143 36.41 6.71 2.02
N LEU B 144 37.07 7.11 0.92
CA LEU B 144 38.03 6.24 0.24
C LEU B 144 39.35 6.07 1.01
N SER B 145 39.62 6.93 1.99
CA SER B 145 40.79 6.76 2.84
C SER B 145 40.50 5.80 4.03
N ASP B 146 39.34 5.10 4.03
CA ASP B 146 38.96 4.16 5.07
C ASP B 146 39.70 2.85 4.81
N PRO B 147 40.25 2.22 5.85
CA PRO B 147 40.97 0.96 5.64
C PRO B 147 40.09 -0.24 5.30
N ASP B 148 38.80 -0.19 5.67
CA ASP B 148 37.86 -1.27 5.38
C ASP B 148 37.50 -1.30 3.90
N ALA B 149 37.69 -2.46 3.29
CA ALA B 149 37.47 -2.67 1.87
C ALA B 149 36.03 -2.55 1.46
N GLU B 150 35.09 -3.00 2.34
CA GLU B 150 33.66 -2.94 2.04
C GLU B 150 33.16 -1.51 1.96
N VAL B 151 33.70 -0.62 2.80
CA VAL B 151 33.35 0.80 2.77
C VAL B 151 33.82 1.40 1.44
N CYS B 152 35.11 1.18 1.10
CA CYS B 152 35.71 1.65 -0.15
C CYS B 152 34.92 1.17 -1.37
N LEU B 153 34.49 -0.10 -1.36
CA LEU B 153 33.69 -0.67 -2.45
C LEU B 153 32.38 0.13 -2.64
N HIS B 154 31.65 0.41 -1.55
CA HIS B 154 30.39 1.12 -1.65
C HIS B 154 30.57 2.60 -1.97
N VAL B 155 31.75 3.18 -1.71
CA VAL B 155 32.01 4.56 -2.11
C VAL B 155 32.23 4.53 -3.64
N LEU B 156 33.02 3.58 -4.15
CA LEU B 156 33.25 3.41 -5.59
C LEU B 156 31.96 3.11 -6.36
N ARG B 157 31.05 2.37 -5.74
CA ARG B 157 29.77 2.08 -6.37
C ARG B 157 28.90 3.33 -6.48
N LEU B 158 29.00 4.22 -5.50
CA LEU B 158 28.26 5.48 -5.51
C LEU B 158 28.92 6.42 -6.54
N VAL B 159 30.25 6.50 -6.54
CA VAL B 159 31.01 7.31 -7.50
C VAL B 159 30.66 6.88 -8.94
N GLN B 160 30.63 5.56 -9.22
CA GLN B 160 30.26 5.03 -10.52
C GLN B 160 28.83 5.49 -10.94
N SER B 161 27.88 5.43 -9.99
CA SER B 161 26.52 5.86 -10.19
C SER B 161 26.48 7.35 -10.52
N VAL B 162 27.31 8.17 -9.85
CA VAL B 162 27.38 9.61 -10.10
C VAL B 162 28.02 9.92 -11.45
N VAL B 163 29.06 9.13 -11.86
CA VAL B 163 29.80 9.29 -13.12
C VAL B 163 28.90 9.00 -14.31
N LEU B 164 28.12 7.91 -14.23
CA LEU B 164 27.15 7.53 -15.27
C LEU B 164 25.92 8.46 -15.25
N GLU B 165 25.09 8.42 -16.30
CA GLU B 165 23.90 9.30 -16.41
C GLU B 165 24.25 10.77 -16.49
N PRO B 166 23.78 11.43 -17.57
CA PRO B 166 24.07 12.87 -17.72
C PRO B 166 23.55 13.80 -16.61
N GLU B 167 24.50 14.50 -15.95
CA GLU B 167 24.24 15.56 -14.96
C GLU B 167 24.36 16.83 -15.85
N VAL B 168 23.56 16.87 -16.96
CA VAL B 168 23.65 17.80 -18.10
C VAL B 168 24.84 17.32 -19.03
N PHE B 169 25.86 16.60 -18.44
CA PHE B 169 27.08 16.00 -19.03
C PHE B 169 28.00 17.00 -19.76
N SER B 170 27.77 18.31 -19.54
CA SER B 170 28.57 19.33 -20.16
C SER B 170 29.91 19.47 -19.38
N LYS B 171 30.08 20.51 -18.54
CA LYS B 171 31.30 20.67 -17.76
C LYS B 171 31.10 20.52 -16.24
N SER B 172 29.86 20.22 -15.81
CA SER B 172 29.52 19.98 -14.42
C SER B 172 30.02 18.59 -14.05
N ALA B 173 29.74 17.59 -14.91
CA ALA B 173 30.14 16.19 -14.77
C ALA B 173 31.58 15.96 -15.26
N SER B 174 32.10 16.82 -16.15
CA SER B 174 33.47 16.73 -16.63
C SER B 174 34.43 17.14 -15.50
N GLU B 175 34.08 18.20 -14.74
CA GLU B 175 34.86 18.66 -13.59
C GLU B 175 34.80 17.65 -12.45
N PHE B 176 33.66 16.96 -12.31
CA PHE B 176 33.46 15.95 -11.29
C PHE B 176 34.51 14.82 -11.39
N ARG B 177 34.73 14.30 -12.60
CA ARG B 177 35.67 13.20 -12.84
C ARG B 177 37.11 13.61 -12.56
N SER B 178 37.46 14.85 -12.91
CA SER B 178 38.79 15.41 -12.67
C SER B 178 39.10 15.53 -11.17
N SER B 179 38.07 15.82 -10.36
CA SER B 179 38.22 16.01 -8.93
C SER B 179 38.21 14.73 -8.07
N LEU B 180 38.18 13.53 -8.69
CA LEU B 180 38.20 12.25 -7.98
C LEU B 180 39.64 11.83 -7.58
N PRO B 181 39.81 11.04 -6.51
CA PRO B 181 41.15 10.56 -6.17
C PRO B 181 41.54 9.41 -7.08
N LEU B 182 41.97 9.74 -8.30
CA LEU B 182 42.35 8.78 -9.33
C LEU B 182 43.57 7.94 -8.96
N GLN B 183 44.40 8.44 -8.05
CA GLN B 183 45.56 7.70 -7.59
C GLN B 183 45.11 6.53 -6.70
N ARG B 184 44.12 6.77 -5.84
CA ARG B 184 43.56 5.77 -4.93
C ARG B 184 42.72 4.76 -5.69
N ILE B 185 41.94 5.21 -6.68
CA ILE B 185 41.14 4.29 -7.50
C ILE B 185 42.05 3.31 -8.26
N LEU B 186 43.21 3.78 -8.75
CA LEU B 186 44.17 2.92 -9.43
C LEU B 186 44.82 1.95 -8.47
N ALA B 187 45.09 2.38 -7.23
CA ALA B 187 45.65 1.48 -6.22
C ALA B 187 44.65 0.38 -5.84
N SER B 189 42.33 -0.66 -7.87
CA SER B 189 42.10 -1.51 -9.05
C SER B 189 43.04 -2.72 -9.10
N LYS B 190 44.19 -2.60 -8.41
CA LYS B 190 45.17 -3.66 -8.25
C LYS B 190 45.00 -4.34 -6.85
N SER B 191 43.84 -4.18 -6.19
CA SER B 191 43.63 -4.72 -4.85
C SER B 191 43.58 -6.22 -4.78
N ARG B 192 43.97 -6.75 -3.64
CA ARG B 192 43.94 -8.17 -3.39
C ARG B 192 42.50 -8.65 -3.08
N ASN B 193 41.60 -7.76 -2.61
CA ASN B 193 40.19 -8.06 -2.35
C ASN B 193 39.52 -8.05 -3.72
N PRO B 194 39.02 -9.21 -4.19
CA PRO B 194 38.45 -9.28 -5.55
C PRO B 194 37.22 -8.42 -5.81
N ARG B 195 36.33 -8.23 -4.84
CA ARG B 195 35.13 -7.39 -5.03
C ARG B 195 35.50 -5.93 -5.19
N LEU B 196 36.51 -5.48 -4.41
CA LEU B 196 36.99 -4.11 -4.45
C LEU B 196 37.80 -3.86 -5.71
N GLN B 197 38.63 -4.82 -6.10
CA GLN B 197 39.46 -4.69 -7.29
C GLN B 197 38.57 -4.54 -8.51
N THR B 198 37.50 -5.34 -8.60
CA THR B 198 36.62 -5.27 -9.75
C THR B 198 35.78 -4.01 -9.79
N ALA B 199 35.46 -3.41 -8.62
CA ALA B 199 34.67 -2.18 -8.56
C ALA B 199 35.49 -1.01 -9.06
N ALA B 200 36.77 -0.92 -8.63
CA ALA B 200 37.70 0.12 -9.06
C ALA B 200 38.08 -0.08 -10.51
N GLN B 201 38.18 -1.34 -10.98
CA GLN B 201 38.48 -1.72 -12.35
C GLN B 201 37.36 -1.19 -13.26
N GLU B 202 36.09 -1.45 -12.89
CA GLU B 202 34.93 -1.01 -13.66
C GLU B 202 34.76 0.50 -13.65
N LEU B 203 35.04 1.16 -12.51
CA LEU B 203 34.97 2.62 -12.44
C LEU B 203 36.07 3.25 -13.30
N LEU B 204 37.27 2.65 -13.34
CA LEU B 204 38.37 3.13 -14.17
C LEU B 204 38.04 2.99 -15.64
N GLU B 205 37.40 1.88 -16.03
CA GLU B 205 37.01 1.68 -17.41
C GLU B 205 35.96 2.72 -17.83
N ASP B 206 35.04 3.09 -16.92
CA ASP B 206 34.03 4.13 -17.14
C ASP B 206 34.69 5.52 -17.23
N LEU B 207 35.64 5.82 -16.35
CA LEU B 207 36.33 7.11 -16.35
C LEU B 207 37.13 7.30 -17.64
N ARG B 208 37.85 6.26 -18.08
CA ARG B 208 38.63 6.28 -19.32
C ARG B 208 37.71 6.41 -20.55
N THR B 209 36.53 5.78 -20.51
CA THR B 209 35.56 5.81 -21.60
C THR B 209 35.03 7.22 -21.82
N LEU B 210 34.77 7.95 -20.74
CA LEU B 210 34.27 9.32 -20.83
C LEU B 210 35.39 10.38 -20.87
N GLU B 211 36.67 9.98 -21.01
CA GLU B 211 37.75 10.96 -21.09
C GLU B 211 37.77 11.59 -22.49
N HIS B 212 37.81 12.93 -22.54
CA HIS B 212 37.80 13.67 -23.80
C HIS B 212 39.10 13.41 -24.58
N ALA C 1 12.24 5.94 22.70
CA ALA C 1 10.91 5.85 23.29
C ALA C 1 9.83 6.14 22.26
N GLU C 2 10.01 7.24 21.52
CA GLU C 2 9.11 7.66 20.45
C GLU C 2 9.39 6.84 19.18
N GLY C 4 10.75 3.80 19.12
CA GLY C 4 10.34 2.43 19.37
C GLY C 4 8.87 2.18 19.06
N ALA C 5 8.00 3.10 19.48
CA ALA C 5 6.57 3.00 19.20
C ALA C 5 6.22 3.22 17.74
N ALA C 6 7.00 4.05 17.04
CA ALA C 6 6.78 4.31 15.62
C ALA C 6 7.06 3.05 14.79
N ALA C 7 8.10 2.29 15.16
CA ALA C 7 8.48 1.05 14.49
C ALA C 7 7.44 -0.04 14.78
N CYS C 8 6.92 -0.11 16.03
CA CYS C 8 5.86 -1.05 16.44
C CYS C 8 4.55 -0.76 15.72
N THR C 9 4.22 0.51 15.55
CA THR C 9 3.02 0.93 14.85
C THR C 9 3.11 0.57 13.38
N LEU C 10 4.29 0.74 12.75
CA LEU C 10 4.46 0.35 11.35
C LEU C 10 4.31 -1.15 11.20
N LEU C 11 4.91 -1.90 12.11
CA LEU C 11 4.84 -3.35 12.12
C LEU C 11 3.41 -3.86 12.27
N TRP C 12 2.58 -3.16 13.08
CA TRP C 12 1.15 -3.43 13.29
C TRP C 12 0.38 -3.23 11.96
N GLY C 13 0.74 -2.20 11.23
CA GLY C 13 0.13 -1.89 9.97
C GLY C 13 0.40 -2.94 8.91
N VAL C 14 1.67 -3.35 8.79
CA VAL C 14 2.03 -4.34 7.78
C VAL C 14 1.67 -5.77 8.19
N SER C 15 1.53 -6.03 9.49
CA SER C 15 1.19 -7.37 10.00
C SER C 15 -0.22 -7.85 9.61
N SER C 16 -1.04 -6.99 8.98
CA SER C 16 -2.35 -7.40 8.51
C SER C 16 -2.24 -8.35 7.27
N SER C 17 -1.03 -8.51 6.69
CA SER C 17 -0.75 -9.32 5.53
C SER C 17 -0.23 -10.68 5.95
N GLU C 18 -0.73 -11.76 5.32
CA GLU C 18 -0.25 -13.12 5.58
C GLU C 18 1.22 -13.22 5.21
N GLU C 19 1.60 -12.63 4.08
CA GLU C 19 2.95 -12.65 3.56
C GLU C 19 3.95 -12.03 4.54
N VAL C 20 3.53 -10.97 5.26
CA VAL C 20 4.36 -10.33 6.26
C VAL C 20 4.43 -11.18 7.52
N VAL C 21 3.29 -11.77 7.94
CA VAL C 21 3.24 -12.63 9.12
C VAL C 21 4.18 -13.83 8.95
N LYS C 22 4.18 -14.48 7.76
CA LYS C 22 5.06 -15.63 7.48
C LYS C 22 6.51 -15.20 7.60
N ALA C 23 6.85 -14.04 7.03
CA ALA C 23 8.18 -13.46 7.07
C ALA C 23 8.64 -13.13 8.50
N ILE C 24 7.73 -12.77 9.42
CA ILE C 24 8.06 -12.46 10.82
C ILE C 24 8.45 -13.73 11.58
N LEU C 25 7.69 -14.79 11.38
CA LEU C 25 7.95 -16.09 12.01
C LEU C 25 9.21 -16.76 11.44
N GLY C 26 9.48 -16.50 10.15
CA GLY C 26 10.63 -17.03 9.42
C GLY C 26 11.95 -16.45 9.86
N GLY C 27 11.96 -15.19 10.26
CA GLY C 27 13.16 -14.55 10.76
C GLY C 27 13.48 -15.00 12.17
N ASP C 28 14.71 -15.48 12.42
CA ASP C 28 15.10 -15.96 13.76
C ASP C 28 15.44 -14.82 14.69
N LYS C 29 14.39 -14.15 15.16
CA LYS C 29 14.36 -13.00 16.07
C LYS C 29 12.92 -12.74 16.62
N ALA C 30 11.91 -13.46 16.05
CA ALA C 30 10.51 -13.39 16.43
C ALA C 30 10.29 -13.95 17.82
N LEU C 31 11.03 -15.01 18.17
CA LEU C 31 10.92 -15.68 19.47
C LEU C 31 11.30 -14.74 20.59
N LYS C 32 12.32 -13.90 20.38
CA LYS C 32 12.73 -12.90 21.38
C LYS C 32 11.65 -11.82 21.46
N PHE C 33 11.22 -11.33 20.29
CA PHE C 33 10.19 -10.32 20.15
C PHE C 33 8.89 -10.67 20.92
N PHE C 34 8.41 -11.91 20.77
CA PHE C 34 7.18 -12.33 21.44
C PHE C 34 7.35 -12.56 22.94
N SER C 35 8.56 -12.94 23.40
CA SER C 35 8.80 -13.11 24.83
C SER C 35 8.87 -11.77 25.56
N ILE C 36 9.55 -10.77 24.97
CA ILE C 36 9.62 -9.43 25.55
C ILE C 36 8.30 -8.65 25.35
N THR C 37 7.44 -9.07 24.41
CA THR C 37 6.15 -8.43 24.18
C THR C 37 5.28 -8.58 25.43
N GLY C 38 5.18 -9.80 25.93
CA GLY C 38 4.41 -10.10 27.12
C GLY C 38 4.92 -9.35 28.34
N GLN C 39 6.24 -9.20 28.45
CA GLN C 39 6.86 -8.48 29.55
C GLN C 39 6.49 -7.00 29.49
N THR C 40 6.48 -6.43 28.29
CA THR C 40 6.14 -5.03 28.07
C THR C 40 4.66 -4.78 28.34
N GLU C 42 2.75 -6.64 30.37
CA GLU C 42 2.60 -6.85 31.81
C GLU C 42 3.09 -5.61 32.56
N SER C 43 4.24 -5.06 32.14
CA SER C 43 4.81 -3.86 32.75
C SER C 43 3.85 -2.67 32.59
N PHE C 44 3.23 -2.52 31.41
CA PHE C 44 2.30 -1.42 31.15
C PHE C 44 1.09 -1.49 32.08
N VAL C 45 0.48 -2.68 32.18
CA VAL C 45 -0.69 -2.88 33.02
C VAL C 45 -0.35 -2.61 34.49
N LYS C 46 0.70 -3.24 35.02
CA LYS C 46 1.11 -3.04 36.40
C LYS C 46 1.41 -1.59 36.74
N SER C 47 1.87 -0.81 35.74
CA SER C 47 2.17 0.62 35.93
C SER C 47 0.91 1.49 36.10
N LEU C 48 -0.27 0.99 35.70
CA LEU C 48 -1.51 1.76 35.82
C LEU C 48 -2.12 1.60 37.19
N ASP C 49 -2.32 2.72 37.88
CA ASP C 49 -2.93 2.71 39.21
C ASP C 49 -4.42 3.03 39.06
N GLY C 50 -5.06 2.39 38.07
CA GLY C 50 -6.48 2.68 37.80
C GLY C 50 -6.63 3.79 36.79
N ASP C 51 -7.09 4.97 37.25
CA ASP C 51 -7.28 6.14 36.35
C ASP C 51 -7.95 5.67 35.06
N VAL C 52 -7.30 5.91 33.92
CA VAL C 52 -7.85 5.43 32.62
C VAL C 52 -6.67 5.03 31.74
N GLN C 53 -6.09 5.96 30.96
CA GLN C 53 -4.95 5.68 30.06
C GLN C 53 -4.52 7.00 29.44
N GLU C 54 -5.46 7.95 29.30
CA GLU C 54 -5.15 9.29 28.76
C GLU C 54 -4.34 9.19 27.46
N LEU C 55 -4.69 8.24 26.57
CA LEU C 55 -3.93 7.93 25.33
C LEU C 55 -2.46 8.24 25.54
N ASP C 56 -1.81 7.55 26.49
CA ASP C 56 -0.39 7.82 26.83
C ASP C 56 0.47 7.96 25.58
N SER C 57 1.11 9.13 25.42
CA SER C 57 1.99 9.38 24.26
C SER C 57 2.99 8.24 24.10
N ASP C 58 3.03 7.63 22.92
CA ASP C 58 3.94 6.53 22.59
C ASP C 58 4.19 5.56 23.76
N GLU C 59 3.17 5.31 24.57
CA GLU C 59 3.24 4.36 25.68
C GLU C 59 2.08 3.41 25.50
N SER C 60 0.85 3.98 25.42
CA SER C 60 -0.33 3.21 25.15
C SER C 60 -0.26 2.79 23.68
N GLN C 61 0.08 3.71 22.76
CA GLN C 61 0.24 3.38 21.34
C GLN C 61 1.27 2.26 21.14
N PHE C 62 2.27 2.15 22.04
CA PHE C 62 3.26 1.09 21.97
C PHE C 62 2.68 -0.26 22.37
N VAL C 63 1.92 -0.33 23.50
CA VAL C 63 1.32 -1.62 23.89
C VAL C 63 0.12 -1.98 23.03
N PHE C 64 -0.57 -1.00 22.48
CA PHE C 64 -1.65 -1.24 21.54
C PHE C 64 -1.07 -1.80 20.24
N ALA C 65 0.13 -1.34 19.82
CA ALA C 65 0.81 -1.88 18.65
C ALA C 65 1.21 -3.31 18.93
N LEU C 66 1.71 -3.59 20.13
CA LEU C 66 2.09 -4.93 20.58
C LEU C 66 0.92 -5.92 20.59
N ALA C 67 -0.22 -5.56 21.22
CA ALA C 67 -1.39 -6.42 21.23
C ALA C 67 -1.98 -6.54 19.81
N GLY C 68 -1.87 -5.46 19.01
CA GLY C 68 -2.35 -5.43 17.64
C GLY C 68 -1.57 -6.40 16.78
N ILE C 69 -0.25 -6.45 16.97
CA ILE C 69 0.62 -7.36 16.23
C ILE C 69 0.31 -8.79 16.65
N VAL C 70 0.20 -9.06 17.96
CA VAL C 70 -0.13 -10.43 18.44
C VAL C 70 -1.45 -10.92 17.85
N THR C 71 -2.43 -10.02 17.72
CA THR C 71 -3.74 -10.31 17.15
C THR C 71 -3.62 -10.61 15.64
N ASN C 72 -2.90 -9.79 14.90
CA ASN C 72 -2.71 -9.95 13.47
C ASN C 72 -1.90 -11.21 13.11
N VAL C 73 -0.99 -11.63 14.01
CA VAL C 73 -0.18 -12.82 13.80
C VAL C 73 -1.05 -14.05 14.02
N ALA C 74 -1.77 -14.10 15.14
CA ALA C 74 -2.72 -15.17 15.47
C ALA C 74 -3.84 -15.31 14.44
N ALA C 75 -4.14 -14.26 13.68
CA ALA C 75 -5.15 -14.28 12.63
C ALA C 75 -4.76 -15.21 11.45
N ILE C 76 -3.44 -15.47 11.28
CA ILE C 76 -2.88 -16.31 10.23
C ILE C 76 -2.63 -17.71 10.79
N ALA C 77 -3.00 -18.76 10.03
CA ALA C 77 -2.89 -20.16 10.45
C ALA C 77 -1.52 -20.54 11.08
N CYS C 78 -0.42 -20.21 10.43
CA CYS C 78 0.92 -20.51 10.97
C CYS C 78 1.33 -19.59 12.13
N GLY C 79 0.65 -18.45 12.27
CA GLY C 79 0.88 -17.47 13.32
C GLY C 79 0.31 -17.97 14.63
N ARG C 80 -0.96 -18.44 14.61
CA ARG C 80 -1.56 -19.04 15.80
C ARG C 80 -0.92 -20.42 16.13
N GLU C 81 -0.34 -21.07 15.13
CA GLU C 81 0.39 -22.30 15.29
C GLU C 81 1.70 -22.00 15.99
N PHE C 82 2.43 -20.96 15.54
CA PHE C 82 3.69 -20.54 16.15
C PHE C 82 3.48 -20.15 17.59
N LEU C 83 2.45 -19.32 17.88
CA LEU C 83 2.19 -18.84 19.23
C LEU C 83 1.97 -19.96 20.24
N VAL C 84 1.15 -20.97 19.89
CA VAL C 84 0.87 -22.06 20.82
C VAL C 84 2.05 -23.04 20.99
N ASN C 85 3.05 -23.00 20.10
CA ASN C 85 4.22 -23.86 20.20
C ASN C 85 5.38 -23.12 20.88
N SER C 86 5.66 -21.91 20.43
CA SER C 86 6.76 -21.09 20.93
C SER C 86 6.39 -20.09 22.02
N SER C 87 5.33 -19.29 21.85
CA SER C 87 4.99 -18.25 22.81
C SER C 87 3.82 -18.58 23.78
N ARG C 88 3.87 -19.74 24.44
CA ARG C 88 2.84 -20.11 25.42
C ARG C 88 2.83 -19.17 26.63
N VAL C 89 3.98 -18.58 26.96
CA VAL C 89 4.12 -17.64 28.06
C VAL C 89 3.38 -16.34 27.75
N LEU C 90 3.38 -15.92 26.47
CA LEU C 90 2.65 -14.73 26.02
C LEU C 90 1.15 -14.98 26.17
N LEU C 91 0.67 -16.21 25.89
CA LEU C 91 -0.74 -16.57 26.05
C LEU C 91 -1.13 -16.48 27.52
N ASP C 92 -0.24 -16.97 28.41
CA ASP C 92 -0.39 -16.94 29.87
C ASP C 92 -0.56 -15.49 30.33
N THR C 93 0.33 -14.60 29.82
CA THR C 93 0.31 -13.18 30.11
C THR C 93 -0.98 -12.53 29.65
N ILE C 94 -1.47 -12.82 28.43
CA ILE C 94 -2.72 -12.27 27.94
C ILE C 94 -3.88 -12.65 28.86
N LEU C 95 -4.01 -13.94 29.17
CA LEU C 95 -5.03 -14.44 30.07
C LEU C 95 -4.94 -13.79 31.47
N GLN C 96 -3.71 -13.64 32.01
CA GLN C 96 -3.48 -12.98 33.30
C GLN C 96 -3.94 -11.51 33.27
N LEU C 97 -3.49 -10.75 32.26
CA LEU C 97 -3.79 -9.33 32.08
C LEU C 97 -5.26 -9.04 31.88
N LEU C 98 -6.01 -10.00 31.33
CA LEU C 98 -7.45 -9.82 31.16
C LEU C 98 -8.17 -9.82 32.50
N GLY C 99 -7.72 -10.67 33.42
CA GLY C 99 -8.25 -10.75 34.76
C GLY C 99 -7.76 -9.64 35.66
N ASP C 100 -6.53 -9.16 35.41
CA ASP C 100 -5.89 -8.08 36.16
C ASP C 100 -6.50 -6.72 35.80
N LEU C 101 -7.00 -6.55 34.57
CA LEU C 101 -7.61 -5.27 34.15
C LEU C 101 -9.02 -5.12 34.68
N LYS C 102 -9.30 -4.03 35.39
CA LYS C 102 -10.62 -3.81 35.97
C LYS C 102 -11.68 -3.40 34.94
N PRO C 103 -12.98 -3.73 35.12
CA PRO C 103 -13.99 -3.37 34.09
C PRO C 103 -13.99 -1.89 33.78
N GLY C 104 -13.97 -1.56 32.50
CA GLY C 104 -13.90 -0.17 32.07
C GLY C 104 -12.49 0.37 31.95
N GLN C 105 -11.50 -0.32 32.56
CA GLN C 105 -10.09 0.07 32.50
C GLN C 105 -9.40 -0.64 31.32
N CYS C 106 -8.78 0.16 30.43
CA CYS C 106 -8.12 -0.20 29.17
C CYS C 106 -8.98 -1.11 28.31
N THR C 107 -10.13 -0.61 27.92
CA THR C 107 -11.10 -1.31 27.08
C THR C 107 -10.52 -1.72 25.74
N LYS C 108 -9.79 -0.81 25.07
CA LYS C 108 -9.18 -1.12 23.78
C LYS C 108 -8.12 -2.21 23.88
N LEU C 109 -7.41 -2.29 25.03
CA LEU C 109 -6.40 -3.33 25.21
C LEU C 109 -7.08 -4.68 25.41
N LYS C 110 -8.18 -4.71 26.16
CA LYS C 110 -8.94 -5.93 26.40
C LYS C 110 -9.57 -6.51 25.14
N VAL C 111 -10.09 -5.68 24.23
CA VAL C 111 -10.67 -6.20 22.99
C VAL C 111 -9.56 -6.74 22.07
N LEU C 112 -8.40 -6.06 21.99
CA LEU C 112 -7.28 -6.55 21.19
C LEU C 112 -6.80 -7.91 21.74
N LEU C 114 -8.67 -10.08 23.72
CA LEU C 114 -9.73 -11.06 23.53
C LEU C 114 -9.85 -11.50 22.06
N SER C 116 -7.22 -11.79 20.06
CA SER C 116 -6.11 -12.70 19.83
C SER C 116 -6.37 -14.05 20.46
N LEU C 117 -7.09 -14.10 21.59
CA LEU C 117 -7.42 -15.39 22.21
C LEU C 117 -8.43 -16.15 21.36
N TYR C 118 -9.35 -15.45 20.70
CA TYR C 118 -10.29 -16.10 19.80
C TYR C 118 -9.54 -16.67 18.60
N ASN C 119 -8.61 -15.88 18.06
CA ASN C 119 -7.83 -16.27 16.91
C ASN C 119 -6.96 -17.46 17.22
N VAL C 120 -6.28 -17.49 18.40
CA VAL C 120 -5.45 -18.65 18.75
C VAL C 120 -6.33 -19.87 19.01
N SER C 121 -7.57 -19.68 19.50
CA SER C 121 -8.50 -20.79 19.72
C SER C 121 -8.86 -21.52 18.43
N ILE C 122 -8.80 -20.83 17.25
CA ILE C 122 -9.01 -21.43 15.92
C ILE C 122 -8.07 -22.60 15.71
N ASN C 123 -6.86 -22.56 16.29
CA ASN C 123 -5.90 -23.66 16.23
C ASN C 123 -6.30 -24.70 17.30
N LEU C 124 -6.35 -26.00 16.95
CA LEU C 124 -6.78 -27.04 17.89
C LEU C 124 -6.01 -27.03 19.22
N LYS C 125 -4.67 -26.96 19.16
CA LYS C 125 -3.87 -26.93 20.39
C LYS C 125 -4.08 -25.61 21.17
N GLY C 126 -4.29 -24.52 20.44
CA GLY C 126 -4.56 -23.22 21.02
C GLY C 126 -5.86 -23.20 21.79
N LEU C 127 -6.88 -23.93 21.31
CA LEU C 127 -8.15 -24.02 22.01
C LEU C 127 -7.93 -24.80 23.30
N LYS C 128 -7.21 -25.94 23.22
CA LYS C 128 -6.89 -26.76 24.38
C LYS C 128 -6.18 -25.94 25.44
N TYR C 129 -5.09 -25.24 25.07
CA TYR C 129 -4.30 -24.41 25.96
C TYR C 129 -5.10 -23.31 26.68
N ILE C 130 -5.93 -22.56 25.95
CA ILE C 130 -6.71 -21.48 26.56
C ILE C 130 -7.76 -22.04 27.50
N SER C 131 -8.56 -23.01 27.04
CA SER C 131 -9.64 -23.57 27.85
C SER C 131 -9.13 -24.29 29.10
N GLU C 132 -7.95 -24.90 29.05
CA GLU C 132 -7.41 -25.57 30.22
C GLU C 132 -6.50 -24.67 31.09
N SER C 133 -6.52 -23.35 30.87
CA SER C 133 -5.77 -22.41 31.70
C SER C 133 -6.49 -22.20 33.04
N PRO C 134 -5.73 -21.97 34.13
CA PRO C 134 -6.31 -21.87 35.49
C PRO C 134 -7.76 -21.31 35.59
N GLY C 135 -8.05 -20.09 36.07
CA GLY C 135 -9.43 -19.64 36.25
C GLY C 135 -10.05 -19.15 34.96
N PHE C 136 -10.01 -19.95 33.89
CA PHE C 136 -10.57 -19.57 32.59
C PHE C 136 -12.08 -19.31 32.62
N ILE C 137 -12.89 -20.26 33.12
CA ILE C 137 -14.34 -20.03 33.18
C ILE C 137 -14.66 -18.85 34.12
N PRO C 138 -14.11 -18.75 35.36
CA PRO C 138 -14.37 -17.53 36.17
C PRO C 138 -13.99 -16.22 35.46
N LEU C 139 -12.98 -16.26 34.58
CA LEU C 139 -12.52 -15.11 33.82
C LEU C 139 -13.56 -14.72 32.78
N LEU C 140 -14.14 -15.71 32.10
CA LEU C 140 -15.16 -15.45 31.08
C LEU C 140 -16.39 -14.77 31.63
N TRP C 141 -17.00 -15.36 32.67
CA TRP C 141 -18.22 -14.78 33.22
C TRP C 141 -17.95 -13.39 33.83
N TRP C 142 -16.74 -13.17 34.38
CA TRP C 142 -16.37 -11.87 34.91
C TRP C 142 -16.18 -10.80 33.80
N LEU C 143 -15.45 -11.11 32.70
CA LEU C 143 -15.29 -10.19 31.56
C LEU C 143 -16.69 -9.81 30.96
N LEU C 144 -17.71 -10.69 31.13
CA LEU C 144 -19.06 -10.38 30.68
C LEU C 144 -19.69 -9.27 31.53
N SER C 145 -19.26 -9.14 32.81
CA SER C 145 -19.71 -8.08 33.72
C SER C 145 -19.11 -6.68 33.35
N ASP C 146 -18.43 -6.57 32.18
CA ASP C 146 -17.88 -5.31 31.70
C ASP C 146 -19.02 -4.54 31.05
N PRO C 147 -19.14 -3.22 31.32
CA PRO C 147 -20.23 -2.45 30.73
C PRO C 147 -20.08 -2.20 29.23
N ASP C 148 -18.83 -2.28 28.69
CA ASP C 148 -18.58 -2.03 27.28
C ASP C 148 -19.09 -3.18 26.44
N ALA C 149 -19.89 -2.83 25.43
CA ALA C 149 -20.51 -3.78 24.52
C ALA C 149 -19.51 -4.53 23.65
N GLU C 150 -18.42 -3.85 23.19
CA GLU C 150 -17.43 -4.50 22.35
C GLU C 150 -16.68 -5.58 23.10
N VAL C 151 -16.41 -5.36 24.41
CA VAL C 151 -15.74 -6.36 25.23
C VAL C 151 -16.66 -7.58 25.36
N CYS C 152 -17.93 -7.35 25.70
CA CYS C 152 -18.94 -8.39 25.81
C CYS C 152 -19.08 -9.19 24.52
N LEU C 153 -19.08 -8.54 23.35
CA LEU C 153 -19.14 -9.21 22.07
C LEU C 153 -17.96 -10.20 21.91
N HIS C 154 -16.73 -9.75 22.20
CA HIS C 154 -15.56 -10.62 22.04
C HIS C 154 -15.46 -11.70 23.11
N VAL C 155 -16.11 -11.53 24.27
CA VAL C 155 -16.14 -12.59 25.25
C VAL C 155 -17.11 -13.67 24.76
N LEU C 156 -18.28 -13.27 24.25
CA LEU C 156 -19.26 -14.18 23.69
C LEU C 156 -18.70 -14.94 22.50
N ARG C 157 -17.90 -14.27 21.67
CA ARG C 157 -17.29 -14.90 20.51
C ARG C 157 -16.30 -15.96 20.93
N LEU C 158 -15.57 -15.73 22.03
CA LEU C 158 -14.59 -16.70 22.55
C LEU C 158 -15.34 -17.87 23.18
N VAL C 159 -16.39 -17.58 23.96
CA VAL C 159 -17.25 -18.59 24.59
C VAL C 159 -17.87 -19.50 23.53
N GLN C 160 -18.42 -18.92 22.46
CA GLN C 160 -18.97 -19.65 21.32
C GLN C 160 -17.92 -20.59 20.71
N SER C 161 -16.67 -20.13 20.55
CA SER C 161 -15.55 -20.90 20.00
C SER C 161 -15.23 -22.15 20.83
N VAL C 162 -15.18 -22.07 22.18
CA VAL C 162 -14.91 -23.27 22.97
C VAL C 162 -16.17 -24.17 22.98
N VAL C 163 -17.37 -23.55 23.10
CA VAL C 163 -18.68 -24.20 23.05
C VAL C 163 -18.85 -25.00 21.73
N LEU C 164 -18.25 -24.54 20.64
CA LEU C 164 -18.33 -25.18 19.32
C LEU C 164 -17.49 -26.46 19.18
N GLU C 165 -16.69 -26.79 20.20
CA GLU C 165 -15.93 -28.03 20.24
C GLU C 165 -16.38 -28.76 21.51
N PRO C 166 -17.51 -29.51 21.44
CA PRO C 166 -18.05 -30.17 22.65
C PRO C 166 -17.20 -31.29 23.26
N GLU C 167 -15.99 -31.49 22.72
CA GLU C 167 -15.03 -32.45 23.28
C GLU C 167 -14.21 -31.68 24.35
N VAL C 168 -13.73 -30.48 23.98
CA VAL C 168 -12.98 -29.56 24.81
C VAL C 168 -13.93 -29.01 25.90
N PHE C 169 -15.14 -28.62 25.50
CA PHE C 169 -16.20 -28.12 26.37
C PHE C 169 -16.59 -29.16 27.44
N SER C 170 -16.43 -30.46 27.14
CA SER C 170 -16.77 -31.55 28.05
C SER C 170 -15.78 -31.71 29.21
N LYS C 171 -14.55 -31.19 29.07
CA LYS C 171 -13.56 -31.26 30.15
C LYS C 171 -13.93 -30.24 31.24
N SER C 172 -14.37 -29.03 30.81
CA SER C 172 -14.77 -27.91 31.67
C SER C 172 -16.28 -27.96 31.97
N ALA C 173 -16.80 -29.17 32.18
CA ALA C 173 -18.21 -29.42 32.50
C ALA C 173 -18.51 -29.00 33.98
N SER C 174 -19.81 -28.98 34.38
CA SER C 174 -20.31 -28.63 35.71
C SER C 174 -20.29 -27.12 35.96
N GLU C 175 -19.11 -26.46 35.90
CA GLU C 175 -19.05 -25.02 36.08
C GLU C 175 -19.64 -24.24 34.89
N PHE C 176 -19.71 -24.87 33.71
CA PHE C 176 -20.34 -24.28 32.53
C PHE C 176 -21.87 -24.17 32.70
N ARG C 177 -22.47 -25.02 33.58
CA ARG C 177 -23.91 -25.00 33.90
C ARG C 177 -24.16 -24.25 35.21
N SER C 178 -23.23 -24.37 36.18
CA SER C 178 -23.34 -23.74 37.48
C SER C 178 -23.12 -22.23 37.49
N SER C 179 -22.05 -21.76 36.83
CA SER C 179 -21.68 -20.35 36.92
C SER C 179 -22.01 -19.46 35.71
N LEU C 180 -22.48 -20.02 34.58
CA LEU C 180 -22.75 -19.17 33.39
C LEU C 180 -23.76 -18.04 33.68
N PRO C 181 -23.50 -16.82 33.19
CA PRO C 181 -24.43 -15.71 33.47
C PRO C 181 -25.52 -15.72 32.43
N LEU C 182 -26.45 -16.68 32.55
CA LEU C 182 -27.59 -16.87 31.64
C LEU C 182 -28.40 -15.61 31.51
N GLN C 183 -28.55 -14.86 32.61
CA GLN C 183 -29.34 -13.64 32.59
C GLN C 183 -28.69 -12.53 31.78
N ARG C 184 -27.36 -12.37 31.89
CA ARG C 184 -26.65 -11.35 31.12
C ARG C 184 -26.59 -11.71 29.64
N ILE C 185 -26.36 -13.01 29.32
CA ILE C 185 -26.38 -13.47 27.93
C ILE C 185 -27.77 -13.28 27.33
N LEU C 186 -28.83 -13.50 28.13
CA LEU C 186 -30.22 -13.29 27.70
C LEU C 186 -30.48 -11.82 27.41
N ALA C 187 -29.99 -10.92 28.28
CA ALA C 187 -30.12 -9.47 28.11
C ALA C 187 -29.42 -9.02 26.82
N SER C 189 -29.06 -10.85 24.16
CA SER C 189 -29.90 -11.33 23.06
C SER C 189 -31.15 -10.44 22.80
N LYS C 190 -31.22 -9.25 23.47
CA LYS C 190 -32.24 -8.21 23.35
C LYS C 190 -31.63 -6.81 23.08
N SER C 191 -30.29 -6.70 22.94
CA SER C 191 -29.59 -5.43 22.68
C SER C 191 -29.99 -4.85 21.33
N ARG C 192 -30.02 -3.52 21.21
CA ARG C 192 -30.32 -2.87 19.92
C ARG C 192 -29.10 -2.91 18.96
N ASN C 193 -27.94 -3.46 19.42
CA ASN C 193 -26.75 -3.67 18.60
C ASN C 193 -26.89 -5.05 17.99
N PRO C 194 -27.11 -5.14 16.66
CA PRO C 194 -27.33 -6.45 16.02
C PRO C 194 -26.18 -7.45 16.11
N ARG C 195 -24.92 -6.99 16.04
CA ARG C 195 -23.77 -7.91 16.12
C ARG C 195 -23.62 -8.50 17.52
N LEU C 196 -23.95 -7.72 18.56
CA LEU C 196 -23.88 -8.18 19.95
C LEU C 196 -25.10 -9.06 20.23
N GLN C 197 -26.28 -8.66 19.72
CA GLN C 197 -27.57 -9.36 19.84
C GLN C 197 -27.51 -10.76 19.24
N THR C 198 -27.11 -10.91 17.96
CA THR C 198 -27.03 -12.23 17.35
C THR C 198 -25.91 -13.07 17.90
N ALA C 199 -24.84 -12.46 18.47
CA ALA C 199 -23.77 -13.28 19.06
C ALA C 199 -24.32 -13.97 20.28
N ALA C 200 -25.06 -13.23 21.14
CA ALA C 200 -25.69 -13.78 22.34
C ALA C 200 -26.83 -14.72 21.98
N GLN C 201 -27.58 -14.41 20.90
CA GLN C 201 -28.67 -15.24 20.39
C GLN C 201 -28.11 -16.59 19.94
N GLU C 202 -27.04 -16.58 19.15
CA GLU C 202 -26.43 -17.81 18.67
C GLU C 202 -25.76 -18.61 19.77
N LEU C 203 -25.17 -17.94 20.77
CA LEU C 203 -24.57 -18.62 21.93
C LEU C 203 -25.67 -19.27 22.76
N LEU C 204 -26.82 -18.61 22.92
CA LEU C 204 -27.95 -19.17 23.67
C LEU C 204 -28.51 -20.41 23.00
N GLU C 205 -28.60 -20.39 21.65
CA GLU C 205 -29.08 -21.49 20.85
C GLU C 205 -28.17 -22.73 21.09
N ASP C 206 -26.84 -22.53 21.06
CA ASP C 206 -25.86 -23.58 21.26
C ASP C 206 -25.78 -24.05 22.69
N LEU C 207 -26.02 -23.17 23.68
CA LEU C 207 -25.99 -23.55 25.09
C LEU C 207 -27.21 -24.41 25.46
N ARG C 208 -28.39 -24.04 24.95
CA ARG C 208 -29.62 -24.78 25.22
C ARG C 208 -29.68 -26.11 24.44
N THR C 209 -29.03 -26.16 23.26
CA THR C 209 -29.01 -27.36 22.43
C THR C 209 -28.00 -28.41 22.93
N LEU C 210 -26.96 -28.00 23.67
CA LEU C 210 -25.99 -28.95 24.20
C LEU C 210 -26.46 -29.61 25.48
N GLU C 211 -27.21 -28.88 26.31
CA GLU C 211 -27.74 -29.43 27.56
C GLU C 211 -28.80 -30.52 27.33
N HIS C 212 -29.41 -30.58 26.13
CA HIS C 212 -30.43 -31.56 25.81
C HIS C 212 -29.95 -32.69 24.88
N ASN C 213 -29.24 -32.36 23.79
CA ASN C 213 -28.79 -33.38 22.84
C ASN C 213 -27.98 -34.49 23.48
N ALA D 1 -7.29 18.15 -17.48
CA ALA D 1 -6.01 17.87 -18.11
C ALA D 1 -4.99 17.39 -17.10
N GLU D 2 -4.88 18.10 -15.99
CA GLU D 2 -3.99 17.77 -14.87
C GLU D 2 -4.62 16.66 -14.00
N GLY D 4 -6.92 14.47 -15.08
CA GLY D 4 -6.94 13.24 -15.86
C GLY D 4 -5.67 12.44 -15.72
N ALA D 5 -4.51 13.09 -15.78
CA ALA D 5 -3.23 12.41 -15.64
C ALA D 5 -2.98 11.92 -14.21
N ALA D 6 -3.52 12.63 -13.21
CA ALA D 6 -3.34 12.23 -11.81
C ALA D 6 -4.08 10.91 -11.52
N ALA D 7 -5.28 10.77 -12.10
CA ALA D 7 -6.10 9.57 -11.95
C ALA D 7 -5.48 8.39 -12.69
N CYS D 8 -4.93 8.65 -13.88
CA CYS D 8 -4.25 7.65 -14.71
C CYS D 8 -2.97 7.17 -14.06
N THR D 9 -2.23 8.06 -13.42
CA THR D 9 -1.01 7.71 -12.73
C THR D 9 -1.32 6.84 -11.52
N LEU D 10 -2.39 7.15 -10.77
CA LEU D 10 -2.78 6.32 -9.63
C LEU D 10 -3.16 4.93 -10.12
N LEU D 11 -3.93 4.85 -11.19
CA LEU D 11 -4.38 3.59 -11.80
C LEU D 11 -3.20 2.74 -12.25
N TRP D 12 -2.14 3.38 -12.80
CA TRP D 12 -0.87 2.74 -13.23
C TRP D 12 -0.16 2.11 -12.01
N GLY D 13 -0.19 2.81 -10.89
CA GLY D 13 0.41 2.33 -9.67
C GLY D 13 -0.28 1.12 -9.12
N VAL D 14 -1.61 1.15 -9.04
CA VAL D 14 -2.37 0.03 -8.49
C VAL D 14 -2.50 -1.14 -9.47
N SER D 15 -2.38 -0.89 -10.78
CA SER D 15 -2.50 -1.92 -11.81
C SER D 15 -1.39 -2.96 -11.79
N SER D 16 -0.35 -2.78 -10.95
CA SER D 16 0.70 -3.78 -10.81
C SER D 16 0.19 -5.02 -10.04
N SER D 17 -1.02 -4.98 -9.47
CA SER D 17 -1.65 -6.04 -8.70
C SER D 17 -2.58 -6.85 -9.58
N GLU D 18 -2.50 -8.18 -9.48
CA GLU D 18 -3.40 -9.05 -10.23
C GLU D 18 -4.84 -8.85 -9.79
N GLU D 19 -5.05 -8.67 -8.47
CA GLU D 19 -6.35 -8.44 -7.87
C GLU D 19 -7.02 -7.18 -8.43
N VAL D 20 -6.24 -6.12 -8.73
CA VAL D 20 -6.75 -4.90 -9.32
C VAL D 20 -7.06 -5.11 -10.80
N VAL D 21 -6.21 -5.87 -11.51
CA VAL D 21 -6.43 -6.13 -12.94
C VAL D 21 -7.69 -6.96 -13.18
N LYS D 22 -7.99 -7.91 -12.29
CA LYS D 22 -9.20 -8.73 -12.38
C LYS D 22 -10.41 -7.83 -12.19
N ALA D 23 -10.35 -6.95 -11.17
CA ALA D 23 -11.39 -5.98 -10.84
C ALA D 23 -11.63 -4.96 -11.95
N ILE D 24 -10.59 -4.56 -12.68
CA ILE D 24 -10.71 -3.60 -13.77
C ILE D 24 -11.49 -4.22 -14.91
N LEU D 25 -11.10 -5.43 -15.34
CA LEU D 25 -11.74 -6.16 -16.44
C LEU D 25 -13.21 -6.48 -16.14
N GLY D 26 -13.55 -6.66 -14.87
CA GLY D 26 -14.93 -6.87 -14.43
C GLY D 26 -15.59 -5.53 -14.11
N GLY D 27 -15.64 -4.67 -15.12
CA GLY D 27 -16.18 -3.33 -15.04
C GLY D 27 -16.81 -2.91 -16.36
N ASP D 28 -17.97 -2.24 -16.29
CA ASP D 28 -18.74 -1.79 -17.45
C ASP D 28 -18.01 -0.73 -18.31
N LYS D 29 -17.25 0.15 -17.64
CA LYS D 29 -16.44 1.19 -18.26
C LYS D 29 -15.06 0.68 -18.80
N ALA D 30 -14.73 -0.61 -18.59
CA ALA D 30 -13.46 -1.19 -19.01
C ALA D 30 -13.26 -1.22 -20.51
N LEU D 31 -14.32 -1.62 -21.25
CA LEU D 31 -14.23 -1.64 -22.71
C LEU D 31 -14.11 -0.22 -23.27
N LYS D 32 -14.79 0.74 -22.63
CA LYS D 32 -14.73 2.15 -23.00
C LYS D 32 -13.29 2.64 -22.80
N PHE D 33 -12.75 2.50 -21.58
CA PHE D 33 -11.40 2.92 -21.22
C PHE D 33 -10.32 2.48 -22.22
N PHE D 34 -10.27 1.18 -22.58
CA PHE D 34 -9.26 0.71 -23.51
C PHE D 34 -9.50 1.17 -24.95
N SER D 35 -10.76 1.46 -25.33
CA SER D 35 -11.07 1.97 -26.66
C SER D 35 -10.56 3.43 -26.80
N ILE D 36 -10.85 4.28 -25.78
CA ILE D 36 -10.41 5.67 -25.77
C ILE D 36 -8.90 5.78 -25.45
N THR D 37 -8.28 4.72 -24.87
CA THR D 37 -6.85 4.73 -24.57
C THR D 37 -6.05 4.83 -25.85
N GLY D 38 -6.38 3.99 -26.82
CA GLY D 38 -5.71 3.98 -28.12
C GLY D 38 -5.87 5.30 -28.85
N GLN D 39 -7.04 5.91 -28.74
CA GLN D 39 -7.33 7.20 -29.37
C GLN D 39 -6.47 8.29 -28.75
N THR D 40 -6.31 8.26 -27.41
CA THR D 40 -5.51 9.23 -26.68
C THR D 40 -4.02 9.07 -26.99
N GLU D 42 -2.84 7.73 -29.82
CA GLU D 42 -2.76 8.11 -31.23
C GLU D 42 -2.74 9.63 -31.36
N SER D 43 -3.58 10.32 -30.58
CA SER D 43 -3.67 11.77 -30.57
C SER D 43 -2.37 12.40 -30.05
N PHE D 44 -1.77 11.79 -29.02
CA PHE D 44 -0.52 12.30 -28.46
C PHE D 44 0.63 12.27 -29.46
N VAL D 45 0.89 11.11 -30.11
CA VAL D 45 2.00 11.00 -31.05
C VAL D 45 1.79 11.94 -32.25
N LYS D 46 0.53 12.17 -32.66
CA LYS D 46 0.25 13.09 -33.76
C LYS D 46 0.23 14.55 -33.30
N SER D 47 1.19 14.94 -32.47
CA SER D 47 1.36 16.30 -31.95
C SER D 47 2.86 16.70 -31.83
N LEU D 48 3.72 15.68 -31.87
CA LEU D 48 5.18 15.92 -31.65
C LEU D 48 5.80 16.64 -32.84
N ASP D 49 6.50 17.74 -32.57
CA ASP D 49 7.21 18.48 -33.63
C ASP D 49 8.71 18.27 -33.41
N GLY D 50 9.10 17.05 -33.05
CA GLY D 50 10.51 16.76 -32.74
C GLY D 50 10.80 17.10 -31.30
N ASP D 51 11.12 18.37 -31.04
CA ASP D 51 11.21 18.96 -29.68
C ASP D 51 12.03 18.07 -28.76
N VAL D 52 11.45 17.68 -27.62
CA VAL D 52 12.06 16.67 -26.72
C VAL D 52 11.29 15.35 -26.89
N GLN D 53 11.86 14.24 -26.41
CA GLN D 53 11.17 12.93 -26.50
C GLN D 53 9.78 13.04 -25.88
N GLU D 54 9.70 13.51 -24.63
CA GLU D 54 8.42 13.85 -23.99
C GLU D 54 8.45 15.32 -23.55
N LEU D 55 7.31 16.03 -23.67
CA LEU D 55 7.28 17.47 -23.32
C LEU D 55 6.91 17.68 -21.85
N ASP D 56 6.42 16.62 -21.18
CA ASP D 56 6.33 16.49 -19.69
C ASP D 56 5.19 17.37 -19.13
N SER D 57 5.15 17.57 -17.81
CA SER D 57 4.05 18.32 -17.15
C SER D 57 2.72 17.74 -17.62
N ASP D 58 2.43 16.48 -17.29
CA ASP D 58 1.24 15.74 -17.76
C ASP D 58 1.20 15.72 -19.32
N GLU D 59 0.14 15.13 -19.92
CA GLU D 59 0.02 14.91 -21.36
C GLU D 59 0.94 13.74 -21.69
N SER D 60 2.26 13.91 -21.52
CA SER D 60 3.19 12.81 -21.69
C SER D 60 3.03 11.88 -20.50
N GLN D 61 2.92 12.41 -19.26
CA GLN D 61 2.71 11.57 -18.09
C GLN D 61 1.35 10.87 -18.12
N PHE D 62 0.34 11.45 -18.83
CA PHE D 62 -0.98 10.88 -19.04
C PHE D 62 -0.80 9.68 -20.00
N VAL D 63 -0.07 9.84 -21.13
CA VAL D 63 0.10 8.74 -22.07
C VAL D 63 1.07 7.68 -21.56
N PHE D 64 2.03 8.06 -20.72
CA PHE D 64 2.92 7.09 -20.09
C PHE D 64 2.12 6.25 -19.10
N ALA D 65 1.15 6.85 -18.40
CA ALA D 65 0.27 6.13 -17.50
C ALA D 65 -0.60 5.18 -18.30
N LEU D 66 -1.12 5.62 -19.46
CA LEU D 66 -1.92 4.82 -20.36
C LEU D 66 -1.19 3.58 -20.90
N ALA D 67 0.04 3.76 -21.43
CA ALA D 67 0.85 2.63 -21.91
C ALA D 67 1.30 1.74 -20.73
N GLY D 68 1.53 2.35 -19.58
CA GLY D 68 1.90 1.64 -18.37
C GLY D 68 0.77 0.75 -17.90
N ILE D 69 -0.46 1.25 -17.95
CA ILE D 69 -1.64 0.48 -17.56
C ILE D 69 -1.85 -0.67 -18.55
N VAL D 70 -1.77 -0.40 -19.86
CA VAL D 70 -1.92 -1.47 -20.88
C VAL D 70 -0.89 -2.58 -20.68
N THR D 71 0.36 -2.20 -20.33
CA THR D 71 1.44 -3.13 -20.04
C THR D 71 1.10 -3.95 -18.77
N ASN D 72 0.74 -3.32 -17.68
CA ASN D 72 0.42 -3.99 -16.42
C ASN D 72 -0.79 -4.92 -16.51
N VAL D 73 -1.75 -4.60 -17.40
CA VAL D 73 -2.94 -5.41 -17.60
C VAL D 73 -2.53 -6.67 -18.36
N ALA D 74 -1.81 -6.50 -19.49
CA ALA D 74 -1.29 -7.59 -20.31
C ALA D 74 -0.33 -8.51 -19.54
N ALA D 75 0.27 -8.02 -18.45
CA ALA D 75 1.17 -8.82 -17.62
C ALA D 75 0.43 -9.95 -16.86
N ILE D 76 -0.91 -9.80 -16.68
CA ILE D 76 -1.79 -10.76 -16.00
C ILE D 76 -2.48 -11.62 -17.04
N ALA D 77 -2.54 -12.95 -16.82
CA ALA D 77 -3.10 -13.91 -17.78
C ALA D 77 -4.47 -13.51 -18.38
N CYS D 78 -5.44 -13.15 -17.54
CA CYS D 78 -6.76 -12.73 -18.03
C CYS D 78 -6.78 -11.33 -18.65
N GLY D 79 -5.74 -10.54 -18.39
CA GLY D 79 -5.56 -9.20 -18.94
C GLY D 79 -5.13 -9.27 -20.38
N ARG D 80 -4.12 -10.10 -20.68
CA ARG D 80 -3.71 -10.31 -22.08
C ARG D 80 -4.83 -11.04 -22.85
N GLU D 81 -5.58 -11.90 -22.16
CA GLU D 81 -6.70 -12.62 -22.73
C GLU D 81 -7.78 -11.63 -23.13
N PHE D 82 -8.12 -10.69 -22.21
CA PHE D 82 -9.11 -9.66 -22.46
C PHE D 82 -8.69 -8.81 -23.66
N LEU D 83 -7.45 -8.33 -23.68
CA LEU D 83 -6.98 -7.45 -24.74
C LEU D 83 -7.11 -8.02 -26.12
N VAL D 84 -6.73 -9.28 -26.35
CA VAL D 84 -6.83 -9.86 -27.71
C VAL D 84 -8.28 -10.13 -28.13
N ASN D 85 -9.17 -10.33 -27.15
CA ASN D 85 -10.58 -10.60 -27.46
C ASN D 85 -11.36 -9.31 -27.63
N SER D 86 -11.21 -8.38 -26.71
CA SER D 86 -11.94 -7.12 -26.73
C SER D 86 -11.20 -5.95 -27.38
N SER D 87 -9.95 -5.67 -26.99
CA SER D 87 -9.22 -4.51 -27.48
C SER D 87 -8.17 -4.77 -28.60
N ARG D 88 -8.52 -5.52 -29.67
CA ARG D 88 -7.53 -5.74 -30.75
C ARG D 88 -7.28 -4.44 -31.59
N VAL D 89 -8.16 -3.42 -31.47
CA VAL D 89 -7.95 -2.11 -32.10
C VAL D 89 -6.83 -1.36 -31.36
N LEU D 90 -6.74 -1.54 -30.02
CA LEU D 90 -5.70 -0.96 -29.20
C LEU D 90 -4.35 -1.57 -29.58
N LEU D 91 -4.33 -2.88 -29.87
CA LEU D 91 -3.12 -3.58 -30.29
C LEU D 91 -2.66 -3.04 -31.65
N ASP D 92 -3.62 -2.78 -32.56
CA ASP D 92 -3.38 -2.20 -33.89
C ASP D 92 -2.72 -0.84 -33.73
N THR D 93 -3.27 0.00 -32.83
CA THR D 93 -2.77 1.32 -32.52
C THR D 93 -1.35 1.26 -31.96
N ILE D 94 -1.06 0.35 -31.02
CA ILE D 94 0.29 0.20 -30.47
C ILE D 94 1.29 -0.13 -31.57
N LEU D 95 0.98 -1.14 -32.38
CA LEU D 95 1.82 -1.54 -33.51
C LEU D 95 2.03 -0.38 -34.50
N GLN D 96 0.97 0.38 -34.80
CA GLN D 96 1.04 1.54 -35.69
C GLN D 96 1.96 2.63 -35.11
N LEU D 97 1.74 3.00 -33.85
CA LEU D 97 2.50 4.05 -33.14
C LEU D 97 3.97 3.73 -33.00
N LEU D 98 4.33 2.43 -32.95
CA LEU D 98 5.73 2.03 -32.88
C LEU D 98 6.46 2.33 -34.20
N GLY D 99 5.77 2.13 -35.31
CA GLY D 99 6.31 2.43 -36.63
C GLY D 99 6.24 3.91 -36.98
N ASP D 100 5.26 4.63 -36.41
CA ASP D 100 5.08 6.06 -36.59
C ASP D 100 6.12 6.87 -35.80
N LEU D 101 6.60 6.34 -34.67
CA LEU D 101 7.60 7.04 -33.86
C LEU D 101 8.99 6.88 -34.46
N LYS D 102 9.64 7.99 -34.82
CA LYS D 102 10.98 7.92 -35.40
C LYS D 102 12.03 7.53 -34.32
N PRO D 103 13.18 6.93 -34.74
CA PRO D 103 14.18 6.51 -33.75
C PRO D 103 14.67 7.66 -32.87
N GLY D 104 14.73 7.41 -31.57
CA GLY D 104 15.13 8.44 -30.61
C GLY D 104 13.98 9.27 -30.09
N GLN D 105 12.81 9.22 -30.77
CA GLN D 105 11.62 9.97 -30.37
C GLN D 105 10.79 9.13 -29.42
N CYS D 106 10.39 9.71 -28.27
CA CYS D 106 9.63 9.09 -27.19
C CYS D 106 10.08 7.68 -26.87
N THR D 107 11.33 7.56 -26.45
CA THR D 107 11.96 6.29 -26.13
C THR D 107 11.24 5.53 -25.02
N LYS D 108 10.85 6.23 -23.93
CA LYS D 108 10.13 5.59 -22.83
C LYS D 108 8.76 5.07 -23.26
N LEU D 109 8.11 5.74 -24.23
CA LEU D 109 6.81 5.29 -24.70
C LEU D 109 6.97 4.02 -25.53
N LYS D 110 8.02 3.97 -26.37
CA LYS D 110 8.29 2.81 -27.19
C LYS D 110 8.61 1.57 -26.40
N VAL D 111 9.35 1.70 -25.30
CA VAL D 111 9.70 0.58 -24.44
C VAL D 111 8.45 0.03 -23.77
N LEU D 112 7.63 0.92 -23.18
CA LEU D 112 6.37 0.54 -22.54
C LEU D 112 5.46 -0.18 -23.52
N LEU D 114 6.42 -1.79 -26.36
CA LEU D 114 7.05 -3.05 -26.71
C LEU D 114 6.89 -4.09 -25.60
N SER D 116 4.26 -4.28 -23.62
CA SER D 116 2.87 -4.75 -23.65
C SER D 116 2.65 -5.75 -24.79
N LEU D 117 3.35 -5.57 -25.92
CA LEU D 117 3.26 -6.50 -27.04
C LEU D 117 3.92 -7.84 -26.70
N TYR D 118 5.00 -7.82 -25.91
CA TYR D 118 5.63 -9.06 -25.45
C TYR D 118 4.67 -9.80 -24.52
N ASN D 119 4.05 -9.06 -23.60
CA ASN D 119 3.14 -9.61 -22.65
C ASN D 119 1.92 -10.20 -23.33
N VAL D 120 1.33 -9.51 -24.32
CA VAL D 120 0.16 -10.08 -25.01
C VAL D 120 0.58 -11.28 -25.86
N SER D 121 1.83 -11.33 -26.34
CA SER D 121 2.32 -12.48 -27.10
C SER D 121 2.41 -13.75 -26.24
N ILE D 122 2.45 -13.63 -24.90
CA ILE D 122 2.42 -14.78 -23.97
C ILE D 122 1.09 -15.55 -24.15
N ASN D 123 0.00 -14.87 -24.54
CA ASN D 123 -1.27 -15.49 -24.84
C ASN D 123 -1.19 -16.05 -26.28
N LEU D 124 -1.61 -17.31 -26.51
CA LEU D 124 -1.55 -17.95 -27.83
C LEU D 124 -2.18 -17.10 -28.95
N LYS D 125 -3.42 -16.62 -28.75
CA LYS D 125 -4.10 -15.80 -29.74
C LYS D 125 -3.41 -14.44 -29.93
N GLY D 126 -2.85 -13.89 -28.84
CA GLY D 126 -2.13 -12.64 -28.86
C GLY D 126 -0.88 -12.73 -29.70
N LEU D 127 -0.20 -13.89 -29.67
CA LEU D 127 0.99 -14.10 -30.49
C LEU D 127 0.57 -14.12 -31.96
N LYS D 128 -0.51 -14.86 -32.27
CA LYS D 128 -1.06 -14.95 -33.62
C LYS D 128 -1.41 -13.58 -34.16
N TYR D 129 -2.16 -12.78 -33.39
CA TYR D 129 -2.56 -11.44 -33.78
C TYR D 129 -1.40 -10.48 -34.09
N ILE D 130 -0.38 -10.43 -33.21
CA ILE D 130 0.75 -9.54 -33.42
C ILE D 130 1.58 -9.96 -34.62
N SER D 131 1.95 -11.24 -34.69
CA SER D 131 2.79 -11.73 -35.78
C SER D 131 2.11 -11.62 -37.16
N GLU D 132 0.78 -11.75 -37.22
CA GLU D 132 0.04 -11.62 -38.49
C GLU D 132 -0.38 -10.17 -38.81
N SER D 133 0.09 -9.18 -38.05
CA SER D 133 -0.25 -7.79 -38.31
C SER D 133 0.55 -7.27 -39.52
N PRO D 134 -0.03 -6.36 -40.33
CA PRO D 134 0.69 -5.85 -41.50
C PRO D 134 2.03 -5.18 -41.15
N GLY D 135 3.01 -5.39 -42.01
CA GLY D 135 4.37 -4.85 -41.84
C GLY D 135 5.06 -5.16 -40.53
N PHE D 136 4.70 -6.27 -39.87
CA PHE D 136 5.29 -6.66 -38.58
C PHE D 136 6.81 -6.91 -38.66
N ILE D 137 7.27 -7.77 -39.59
CA ILE D 137 8.72 -8.01 -39.72
C ILE D 137 9.47 -6.71 -40.09
N PRO D 138 9.04 -5.91 -41.11
CA PRO D 138 9.71 -4.62 -41.36
C PRO D 138 9.76 -3.69 -40.15
N LEU D 139 8.75 -3.79 -39.26
CA LEU D 139 8.69 -2.99 -38.04
C LEU D 139 9.77 -3.44 -37.05
N LEU D 140 9.94 -4.77 -36.90
CA LEU D 140 10.96 -5.32 -36.00
C LEU D 140 12.37 -4.83 -36.39
N TRP D 141 12.68 -4.78 -37.69
CA TRP D 141 14.00 -4.33 -38.11
C TRP D 141 14.15 -2.81 -37.98
N TRP D 142 13.09 -2.03 -38.24
CA TRP D 142 13.12 -0.58 -38.06
C TRP D 142 13.34 -0.22 -36.59
N LEU D 143 12.71 -0.98 -35.67
CA LEU D 143 12.87 -0.73 -34.24
C LEU D 143 14.29 -1.10 -33.76
N LEU D 144 14.92 -2.11 -34.41
CA LEU D 144 16.28 -2.51 -34.08
C LEU D 144 17.33 -1.49 -34.58
N SER D 145 16.95 -0.58 -35.49
CA SER D 145 17.84 0.48 -35.93
C SER D 145 17.77 1.71 -34.96
N ASP D 146 17.11 1.56 -33.78
CA ASP D 146 17.03 2.60 -32.77
C ASP D 146 18.35 2.60 -31.98
N PRO D 147 18.91 3.80 -31.71
CA PRO D 147 20.18 3.84 -30.98
C PRO D 147 20.07 3.47 -29.49
N ASP D 148 18.86 3.60 -28.91
CA ASP D 148 18.64 3.28 -27.51
C ASP D 148 18.68 1.77 -27.27
N ALA D 149 19.52 1.36 -26.33
CA ALA D 149 19.71 -0.04 -25.97
C ALA D 149 18.48 -0.69 -25.38
N GLU D 150 17.72 0.04 -24.55
CA GLU D 150 16.52 -0.52 -23.92
C GLU D 150 15.44 -0.85 -24.93
N VAL D 151 15.31 -0.02 -25.98
CA VAL D 151 14.35 -0.27 -27.04
C VAL D 151 14.75 -1.55 -27.78
N CYS D 152 16.03 -1.64 -28.18
CA CYS D 152 16.60 -2.81 -28.85
C CYS D 152 16.40 -4.08 -28.05
N LEU D 153 16.62 -4.02 -26.72
CA LEU D 153 16.43 -5.16 -25.84
C LEU D 153 14.98 -5.67 -25.91
N HIS D 154 13.99 -4.77 -25.83
CA HIS D 154 12.59 -5.17 -25.85
C HIS D 154 12.12 -5.61 -27.25
N VAL D 155 12.82 -5.19 -28.31
CA VAL D 155 12.50 -5.70 -29.65
C VAL D 155 13.02 -7.13 -29.74
N LEU D 156 14.25 -7.39 -29.26
CA LEU D 156 14.83 -8.73 -29.23
C LEU D 156 14.02 -9.69 -28.36
N ARG D 157 13.47 -9.20 -27.26
CA ARG D 157 12.65 -10.01 -26.38
C ARG D 157 11.35 -10.42 -27.07
N LEU D 158 10.78 -9.52 -27.89
CA LEU D 158 9.56 -9.80 -28.64
C LEU D 158 9.88 -10.79 -29.76
N VAL D 159 11.00 -10.56 -30.48
CA VAL D 159 11.46 -11.45 -31.55
C VAL D 159 11.66 -12.87 -31.01
N GLN D 160 12.31 -13.00 -29.85
CA GLN D 160 12.53 -14.29 -29.20
C GLN D 160 11.21 -14.99 -28.88
N SER D 161 10.23 -14.23 -28.39
CA SER D 161 8.90 -14.75 -28.08
C SER D 161 8.21 -15.27 -29.35
N VAL D 162 8.39 -14.55 -30.49
CA VAL D 162 7.84 -14.95 -31.77
C VAL D 162 8.52 -16.20 -32.34
N VAL D 163 9.87 -16.29 -32.26
CA VAL D 163 10.61 -17.47 -32.74
C VAL D 163 10.40 -18.68 -31.83
N LEU D 164 10.08 -18.48 -30.53
CA LEU D 164 9.70 -19.59 -29.66
C LEU D 164 8.29 -20.02 -30.11
N GLU D 165 7.92 -21.30 -29.95
CA GLU D 165 6.63 -21.80 -30.45
C GLU D 165 6.76 -21.78 -31.99
N PRO D 166 7.27 -22.87 -32.58
CA PRO D 166 7.59 -22.84 -34.01
C PRO D 166 6.41 -22.94 -34.98
N GLU D 167 5.16 -22.97 -34.47
CA GLU D 167 4.00 -22.99 -35.35
C GLU D 167 3.90 -21.60 -36.04
N VAL D 168 4.03 -20.52 -35.25
CA VAL D 168 3.96 -19.16 -35.75
C VAL D 168 5.23 -18.76 -36.51
N PHE D 169 6.39 -19.30 -36.12
CA PHE D 169 7.64 -18.96 -36.81
C PHE D 169 7.76 -19.62 -38.18
N SER D 170 7.33 -20.89 -38.32
CA SER D 170 7.39 -21.57 -39.62
C SER D 170 6.23 -21.17 -40.56
N LYS D 171 5.87 -19.87 -40.58
CA LYS D 171 4.85 -19.29 -41.45
C LYS D 171 5.41 -17.97 -42.02
N SER D 172 6.00 -17.15 -41.15
CA SER D 172 6.63 -15.90 -41.56
C SER D 172 8.15 -16.05 -41.64
N ALA D 173 8.67 -17.29 -41.84
CA ALA D 173 10.11 -17.59 -41.89
C ALA D 173 10.78 -17.01 -43.11
N SER D 174 10.11 -17.10 -44.28
CA SER D 174 10.60 -16.56 -45.54
C SER D 174 10.72 -15.03 -45.49
N GLU D 175 9.90 -14.37 -44.67
CA GLU D 175 9.90 -12.92 -44.48
C GLU D 175 10.94 -12.51 -43.43
N PHE D 176 11.15 -13.34 -42.39
CA PHE D 176 12.09 -13.02 -41.33
C PHE D 176 13.55 -13.30 -41.73
N ARG D 177 13.83 -14.46 -42.32
CA ARG D 177 15.20 -14.80 -42.71
C ARG D 177 15.71 -14.02 -43.91
N SER D 178 14.84 -13.78 -44.92
CA SER D 178 15.24 -13.03 -46.12
C SER D 178 14.98 -11.53 -45.98
N SER D 179 15.25 -10.98 -44.78
CA SER D 179 15.09 -9.57 -44.42
C SER D 179 15.84 -9.21 -43.11
N LEU D 180 16.21 -10.23 -42.31
CA LEU D 180 16.92 -10.08 -41.05
C LEU D 180 18.22 -9.33 -41.25
N PRO D 181 18.44 -8.26 -40.48
CA PRO D 181 19.67 -7.48 -40.63
C PRO D 181 20.85 -8.17 -39.96
N LEU D 182 21.84 -8.57 -40.76
CA LEU D 182 23.03 -9.22 -40.20
C LEU D 182 24.17 -8.23 -39.91
N GLN D 183 23.92 -6.92 -40.04
CA GLN D 183 24.90 -5.89 -39.68
C GLN D 183 24.48 -5.12 -38.39
N ARG D 184 23.27 -5.41 -37.86
CA ARG D 184 22.77 -4.81 -36.64
C ARG D 184 22.66 -5.87 -35.55
N ILE D 185 21.97 -7.00 -35.84
CA ILE D 185 21.78 -8.08 -34.87
C ILE D 185 23.07 -8.80 -34.57
N LEU D 186 23.88 -9.04 -35.62
CA LEU D 186 25.18 -9.70 -35.52
C LEU D 186 26.16 -8.82 -34.76
N ALA D 187 26.17 -7.50 -35.04
CA ALA D 187 27.04 -6.54 -34.36
C ALA D 187 26.60 -6.31 -32.91
N SER D 189 25.52 -8.55 -30.89
CA SER D 189 25.87 -9.71 -30.07
C SER D 189 27.04 -9.42 -29.11
N LYS D 190 27.48 -8.15 -29.00
CA LYS D 190 28.57 -7.65 -28.17
C LYS D 190 28.33 -7.88 -26.68
N SER D 191 29.43 -7.98 -25.91
CA SER D 191 29.37 -8.19 -24.47
C SER D 191 28.72 -7.00 -23.77
N ARG D 192 29.18 -5.76 -24.10
CA ARG D 192 28.78 -4.43 -23.59
C ARG D 192 27.96 -4.50 -22.25
N ASN D 193 26.61 -4.68 -22.27
CA ASN D 193 25.83 -4.82 -21.03
C ASN D 193 25.19 -6.22 -20.96
N PRO D 194 25.12 -6.86 -19.77
CA PRO D 194 24.70 -8.27 -19.69
C PRO D 194 23.27 -8.62 -20.10
N ARG D 195 22.28 -7.77 -19.78
CA ARG D 195 20.91 -8.09 -20.18
C ARG D 195 20.69 -7.96 -21.69
N LEU D 196 21.54 -7.18 -22.39
CA LEU D 196 21.49 -7.12 -23.85
C LEU D 196 22.34 -8.27 -24.41
N GLN D 197 23.49 -8.55 -23.77
CA GLN D 197 24.45 -9.62 -24.09
C GLN D 197 23.73 -10.96 -24.22
N THR D 198 22.90 -11.33 -23.22
CA THR D 198 22.16 -12.59 -23.22
C THR D 198 20.92 -12.52 -24.11
N ALA D 199 20.32 -11.33 -24.30
CA ALA D 199 19.14 -11.18 -25.15
C ALA D 199 19.45 -11.58 -26.61
N ALA D 200 20.60 -11.13 -27.13
CA ALA D 200 20.99 -11.47 -28.50
C ALA D 200 21.62 -12.86 -28.56
N GLN D 201 22.31 -13.30 -27.48
CA GLN D 201 22.96 -14.61 -27.39
C GLN D 201 21.94 -15.74 -27.41
N GLU D 202 20.84 -15.59 -26.66
CA GLU D 202 19.77 -16.58 -26.64
C GLU D 202 19.03 -16.62 -27.98
N LEU D 203 18.86 -15.45 -28.62
CA LEU D 203 18.22 -15.34 -29.92
C LEU D 203 19.09 -16.01 -30.98
N LEU D 204 20.41 -15.86 -30.89
CA LEU D 204 21.35 -16.48 -31.84
C LEU D 204 21.25 -18.00 -31.76
N GLU D 205 21.06 -18.54 -30.56
CA GLU D 205 20.94 -19.99 -30.38
C GLU D 205 19.58 -20.57 -30.80
N ASP D 206 18.72 -19.78 -31.45
CA ASP D 206 17.41 -20.25 -31.88
C ASP D 206 17.13 -19.83 -33.32
N LEU D 207 17.50 -18.59 -33.68
CA LEU D 207 17.28 -18.04 -35.03
C LEU D 207 18.22 -18.65 -36.06
N ARG D 208 19.49 -18.85 -35.71
CA ARG D 208 20.46 -19.43 -36.62
C ARG D 208 20.25 -20.94 -36.73
N THR D 209 19.92 -21.60 -35.61
CA THR D 209 19.69 -23.04 -35.61
C THR D 209 18.31 -23.41 -36.13
N LEU D 210 18.21 -23.59 -37.45
CA LEU D 210 16.98 -24.00 -38.13
C LEU D 210 17.34 -25.27 -38.91
N GLU D 211 17.29 -26.43 -38.25
CA GLU D 211 17.64 -27.70 -38.87
C GLU D 211 16.92 -28.86 -38.18
N ASN E 1 -4.13 -25.70 5.95
CA ASN E 1 -4.22 -25.63 7.41
C ASN E 1 -4.33 -27.01 8.01
N GLU E 2 -3.17 -27.65 8.27
CA GLU E 2 -3.05 -28.98 8.85
C GLU E 2 -3.68 -29.00 10.24
N PHE E 3 -3.35 -28.00 11.06
CA PHE E 3 -3.91 -27.86 12.39
C PHE E 3 -5.29 -27.21 12.21
N ASP E 4 -5.62 -26.09 12.89
CA ASP E 4 -6.89 -25.41 12.69
C ASP E 4 -8.12 -26.30 12.79
N ARG E 5 -9.03 -25.94 13.69
CA ARG E 5 -10.30 -26.60 13.86
C ARG E 5 -11.17 -26.30 12.64
N ILE E 6 -11.40 -27.33 11.82
CA ILE E 6 -12.23 -27.19 10.63
C ILE E 6 -13.59 -27.78 10.98
N ILE E 7 -14.51 -26.89 11.37
CA ILE E 7 -15.85 -27.19 11.86
C ILE E 7 -16.71 -27.94 10.84
N GLU E 8 -17.58 -28.86 11.33
CA GLU E 8 -18.49 -29.65 10.49
C GLU E 8 -19.81 -28.92 10.18
N ASN E 9 -19.82 -27.59 10.29
CA ASN E 9 -20.99 -26.77 9.98
C ASN E 9 -20.51 -25.58 9.15
N GLN E 10 -21.27 -25.27 8.11
CA GLN E 10 -20.98 -24.16 7.20
C GLN E 10 -21.32 -22.80 7.84
N GLU E 11 -22.55 -22.67 8.39
CA GLU E 11 -22.97 -21.41 9.01
C GLU E 11 -22.32 -21.14 10.38
N LYS E 12 -21.66 -22.14 10.98
CA LYS E 12 -21.00 -21.94 12.27
C LYS E 12 -19.49 -21.87 12.05
N SER E 13 -19.04 -21.16 11.01
CA SER E 13 -17.61 -21.04 10.71
C SER E 13 -16.85 -20.12 11.68
N LEU E 14 -15.60 -20.47 11.96
CA LEU E 14 -14.75 -19.64 12.80
C LEU E 14 -14.09 -18.59 11.90
N LYS E 15 -14.30 -17.30 12.20
CA LYS E 15 -13.73 -16.23 11.38
C LYS E 15 -12.79 -15.35 12.18
N ALA E 16 -11.53 -15.30 11.78
CA ALA E 16 -10.50 -14.51 12.47
C ALA E 16 -10.68 -13.00 12.37
N SER E 17 -10.17 -12.28 13.37
CA SER E 17 -10.28 -10.82 13.43
C SER E 17 -8.92 -10.11 13.43
N LYS E 18 -8.71 -9.22 12.45
CA LYS E 18 -7.49 -8.43 12.29
C LYS E 18 -7.74 -6.96 12.75
N SER E 19 -6.70 -6.29 13.21
CA SER E 19 -6.77 -4.92 13.72
C SER E 19 -5.82 -3.97 12.99
N THR E 20 -6.08 -2.68 13.09
CA THR E 20 -5.28 -1.67 12.41
C THR E 20 -4.95 -0.53 13.36
N PRO E 21 -3.79 0.13 13.19
CA PRO E 21 -3.49 1.28 14.04
C PRO E 21 -4.55 2.37 14.05
N ASP E 22 -5.11 2.73 12.88
CA ASP E 22 -6.12 3.80 12.78
C ASP E 22 -7.48 3.34 13.22
N GLY E 23 -7.85 2.12 12.86
CA GLY E 23 -9.12 1.55 13.28
C GLY E 23 -9.21 1.43 14.79
N THR E 24 -8.12 0.99 15.39
CA THR E 24 -8.07 0.81 16.84
C THR E 24 -7.82 2.08 17.59
N ILE E 25 -7.05 3.02 17.05
CA ILE E 25 -6.67 4.23 17.82
C ILE E 25 -7.33 5.52 17.36
N LYS E 26 -7.35 5.77 16.05
CA LYS E 26 -7.89 7.02 15.51
C LYS E 26 -9.42 7.02 15.28
N ASP E 27 -10.03 5.84 15.26
CA ASP E 27 -11.47 5.77 15.07
C ASP E 27 -12.23 5.88 16.39
N ARG E 28 -13.49 6.31 16.29
CA ARG E 28 -14.41 6.38 17.41
C ARG E 28 -14.85 4.95 17.72
N ARG E 29 -15.03 4.64 19.01
CA ARG E 29 -15.51 3.32 19.39
C ARG E 29 -17.01 3.36 19.18
N LEU E 30 -17.42 3.02 17.95
CA LEU E 30 -18.80 3.06 17.47
C LEU E 30 -19.59 1.78 17.62
N PHE E 31 -19.02 0.77 18.27
CA PHE E 31 -19.75 -0.43 18.56
C PHE E 31 -20.29 -0.13 19.96
N HIS E 33 -24.04 -0.09 22.90
CA HIS E 33 -25.26 -0.80 23.29
C HIS E 33 -26.53 -0.19 22.62
N HIS E 34 -26.35 0.81 21.73
CA HIS E 34 -27.41 1.43 20.97
C HIS E 34 -27.42 0.73 19.60
N VAL E 35 -26.29 0.79 18.85
CA VAL E 35 -26.07 0.22 17.51
C VAL E 35 -24.59 0.46 17.09
N SER E 36 -24.15 -0.17 15.99
CA SER E 36 -22.80 0.01 15.48
C SER E 36 -22.80 0.83 14.19
N LEU E 37 -22.06 1.96 14.16
CA LEU E 37 -21.94 2.75 12.94
C LEU E 37 -20.83 2.16 12.10
N GLU E 38 -21.07 2.01 10.79
CA GLU E 38 -20.10 1.39 9.91
C GLU E 38 -19.96 2.16 8.60
N PRO E 39 -18.77 2.13 7.99
CA PRO E 39 -18.56 2.91 6.75
C PRO E 39 -19.36 2.46 5.54
N ILE E 40 -19.57 3.39 4.60
CA ILE E 40 -20.28 3.15 3.35
C ILE E 40 -19.28 3.00 2.23
N THR E 41 -19.39 1.92 1.45
CA THR E 41 -18.53 1.74 0.29
C THR E 41 -19.43 1.85 -0.91
N THR E 42 -19.21 2.86 -1.73
CA THR E 42 -19.98 3.13 -2.93
C THR E 42 -19.42 2.38 -4.13
N VAL E 43 -20.26 2.10 -5.10
CA VAL E 43 -19.87 1.39 -6.31
C VAL E 43 -20.36 2.21 -7.51
N PRO E 44 -19.54 2.33 -8.57
CA PRO E 44 -19.92 3.20 -9.71
C PRO E 44 -21.33 3.06 -10.26
N PHE E 45 -21.85 4.18 -10.79
CA PHE E 45 -23.18 4.25 -11.40
C PHE E 45 -23.26 3.40 -12.65
N ARG E 46 -24.41 2.78 -12.85
CA ARG E 46 -24.66 1.96 -14.01
C ARG E 46 -25.59 2.75 -14.92
N THR E 47 -25.09 3.90 -15.44
CA THR E 47 -25.68 4.94 -16.31
C THR E 47 -27.10 4.64 -16.85
N THR E 48 -27.86 5.72 -17.17
CA THR E 48 -29.23 5.61 -17.69
C THR E 48 -29.17 5.27 -19.20
N LYS E 49 -28.44 4.18 -19.48
CA LYS E 49 -28.15 3.49 -20.72
C LYS E 49 -27.80 2.05 -20.26
N GLU E 50 -28.72 1.41 -19.52
CA GLU E 50 -28.58 0.05 -18.99
C GLU E 50 -29.20 -0.94 -20.00
N ARG E 51 -28.34 -1.72 -20.67
CA ARG E 51 -28.79 -2.69 -21.67
C ARG E 51 -29.39 -3.95 -21.02
N GLN E 52 -28.56 -4.81 -20.37
CA GLN E 52 -28.94 -6.05 -19.69
C GLN E 52 -27.70 -6.65 -18.93
N GLU E 53 -27.49 -7.99 -18.94
CA GLU E 53 -26.34 -8.66 -18.32
C GLU E 53 -25.30 -9.00 -19.38
N ASN F 1 -4.25 -19.33 -16.89
CA ASN F 1 -3.98 -20.76 -16.73
C ASN F 1 -4.68 -21.57 -17.82
N GLU F 2 -4.89 -21.00 -19.03
CA GLU F 2 -5.59 -21.72 -20.09
C GLU F 2 -5.25 -21.28 -21.52
N PHE F 3 -5.50 -20.00 -21.88
CA PHE F 3 -5.26 -19.51 -23.25
C PHE F 3 -3.82 -19.08 -23.52
N ASP F 4 -2.92 -19.15 -22.52
CA ASP F 4 -1.55 -18.70 -22.73
C ASP F 4 -0.59 -19.85 -23.03
N ARG F 5 0.44 -19.52 -23.79
CA ARG F 5 1.51 -20.40 -24.21
C ARG F 5 2.29 -20.89 -23.01
N ILE F 6 2.11 -22.16 -22.65
CA ILE F 6 2.85 -22.76 -21.55
C ILE F 6 3.93 -23.62 -22.21
N ILE F 7 5.14 -23.03 -22.35
CA ILE F 7 6.31 -23.60 -23.01
C ILE F 7 6.82 -24.86 -22.31
N GLU F 8 7.38 -25.81 -23.07
CA GLU F 8 7.90 -27.04 -22.48
C GLU F 8 9.33 -26.88 -21.91
N ASN F 9 10.19 -26.12 -22.60
CA ASN F 9 11.55 -25.88 -22.12
C ASN F 9 11.51 -24.88 -20.94
N GLN F 10 11.54 -25.39 -19.71
CA GLN F 10 11.49 -24.61 -18.46
C GLN F 10 12.62 -23.58 -18.34
N GLU F 11 13.78 -23.89 -18.94
CA GLU F 11 14.96 -23.03 -18.95
C GLU F 11 14.79 -21.77 -19.86
N LYS F 12 13.80 -21.78 -20.76
CA LYS F 12 13.50 -20.65 -21.64
C LYS F 12 12.05 -20.17 -21.44
N SER F 13 11.64 -20.09 -20.16
CA SER F 13 10.29 -19.67 -19.76
C SER F 13 9.95 -18.25 -20.17
N LEU F 14 8.66 -17.99 -20.47
CA LEU F 14 8.23 -16.65 -20.82
C LEU F 14 7.92 -15.90 -19.53
N LYS F 15 8.59 -14.76 -19.30
CA LYS F 15 8.37 -13.99 -18.08
C LYS F 15 7.90 -12.58 -18.40
N ALA F 16 6.68 -12.25 -17.98
CA ALA F 16 6.08 -10.93 -18.22
C ALA F 16 6.73 -9.78 -17.44
N SER F 17 6.65 -8.57 -17.97
CA SER F 17 7.29 -7.40 -17.37
C SER F 17 6.30 -6.31 -16.98
N LYS F 18 6.35 -5.88 -15.70
CA LYS F 18 5.47 -4.84 -15.16
C LYS F 18 6.21 -3.47 -15.04
N SER F 19 5.45 -2.37 -15.10
CA SER F 19 6.00 -1.03 -15.01
C SER F 19 5.39 -0.19 -13.86
N THR F 20 6.08 0.86 -13.43
CA THR F 20 5.66 1.71 -12.33
C THR F 20 5.83 3.17 -12.70
N PRO F 21 4.95 4.05 -12.19
CA PRO F 21 5.12 5.48 -12.48
C PRO F 21 6.49 6.06 -12.14
N ASP F 22 7.04 5.74 -10.96
CA ASP F 22 8.35 6.26 -10.52
C ASP F 22 9.47 5.57 -11.21
N GLY F 23 9.38 4.26 -11.39
CA GLY F 23 10.40 3.51 -12.09
C GLY F 23 10.57 3.96 -13.53
N THR F 24 9.45 4.21 -14.19
CA THR F 24 9.47 4.64 -15.58
C THR F 24 9.74 6.12 -15.73
N ILE F 25 9.29 6.97 -14.81
CA ILE F 25 9.40 8.42 -14.99
C ILE F 25 10.43 9.11 -14.11
N LYS F 26 10.42 8.81 -12.81
CA LYS F 26 11.30 9.47 -11.85
C LYS F 26 12.71 8.86 -11.74
N ASP F 27 12.89 7.64 -12.24
CA ASP F 27 14.18 6.98 -12.19
C ASP F 27 15.03 7.32 -13.40
N ARG F 28 16.33 7.19 -13.25
CA ARG F 28 17.26 7.35 -14.36
C ARG F 28 17.13 6.09 -15.25
N ARG F 29 17.28 6.25 -16.55
CA ARG F 29 17.25 5.11 -17.46
C ARG F 29 18.62 4.49 -17.36
N LEU F 30 18.77 3.57 -16.39
CA LEU F 30 20.02 2.90 -16.01
C LEU F 30 20.28 1.60 -16.71
N PHE F 31 19.45 1.21 -17.67
CA PHE F 31 19.75 0.05 -18.49
C PHE F 31 20.43 0.73 -19.68
N HIS F 33 24.11 0.91 -22.61
CA HIS F 33 25.11 0.14 -23.37
C HIS F 33 26.44 -0.11 -22.60
N HIS F 34 26.53 0.37 -21.36
CA HIS F 34 27.69 0.19 -20.50
C HIS F 34 27.37 -1.01 -19.60
N VAL F 35 26.28 -0.94 -18.81
CA VAL F 35 25.80 -1.94 -17.83
C VAL F 35 24.48 -1.42 -17.19
N SER F 36 23.78 -2.26 -16.40
CA SER F 36 22.56 -1.86 -15.74
C SER F 36 22.77 -1.68 -14.22
N LEU F 37 22.47 -0.49 -13.69
CA LEU F 37 22.56 -0.26 -12.25
C LEU F 37 21.27 -0.73 -11.59
N GLU F 38 21.41 -1.44 -10.48
CA GLU F 38 20.26 -2.01 -9.79
C GLU F 38 20.32 -1.80 -8.27
N PRO F 39 19.15 -1.66 -7.62
CA PRO F 39 19.13 -1.40 -6.18
C PRO F 39 19.66 -2.51 -5.28
N ILE F 40 20.01 -2.15 -4.05
CA ILE F 40 20.51 -3.06 -3.03
C ILE F 40 19.42 -3.33 -2.01
N THR F 41 19.14 -4.59 -1.73
CA THR F 41 18.17 -4.94 -0.70
C THR F 41 18.95 -5.63 0.39
N THR F 42 18.99 -5.02 1.57
CA THR F 42 19.69 -5.52 2.73
C THR F 42 18.83 -6.47 3.57
N VAL F 43 19.47 -7.39 4.27
CA VAL F 43 18.77 -8.34 5.12
C VAL F 43 19.43 -8.31 6.50
N PRO F 44 18.65 -8.35 7.59
CA PRO F 44 19.24 -8.25 8.94
C PRO F 44 20.39 -9.20 9.26
N PHE F 45 21.28 -8.75 10.15
CA PHE F 45 22.44 -9.50 10.60
C PHE F 45 22.04 -10.76 11.35
N ARG F 46 22.79 -11.84 11.14
CA ARG F 46 22.53 -13.08 11.85
C ARG F 46 23.65 -13.25 12.88
N THR F 47 23.80 -12.27 13.79
CA THR F 47 24.83 -12.26 14.84
C THR F 47 24.89 -13.60 15.65
N THR F 48 26.07 -13.91 16.23
CA THR F 48 26.36 -15.13 17.00
C THR F 48 26.26 -16.44 16.19
N LYS F 49 26.18 -16.33 14.83
CA LYS F 49 26.07 -17.43 13.85
C LYS F 49 24.80 -18.29 14.02
N GLU F 50 24.45 -19.14 13.01
CA GLU F 50 23.26 -19.99 13.11
C GLU F 50 23.53 -21.22 14.01
N ARG F 51 22.47 -21.71 14.68
CA ARG F 51 22.57 -22.86 15.57
C ARG F 51 22.52 -24.19 14.82
#